data_3MSG
#
_entry.id   3MSG
#
_cell.length_a   169.228
_cell.length_b   80.771
_cell.length_c   79.056
_cell.angle_alpha   90.00
_cell.angle_beta   91.73
_cell.angle_gamma   90.00
#
_symmetry.space_group_name_H-M   'C 1 2 1'
#
loop_
_entity.id
_entity.type
_entity.pdbx_description
1 polymer 'Intra-cellular xylanase ixt6'
2 branched beta-D-xylopyranose-(1-4)-beta-D-xylopyranose
3 non-polymer beta-D-xylopyranose
4 non-polymer 'SODIUM ION'
5 non-polymer 'ACETATE ION'
6 non-polymer GLYCEROL
7 water water
#
_entity_poly.entity_id   1
_entity_poly.type   'polypeptide(L)'
_entity_poly.pdbx_seq_one_letter_code
;MNSSLPSLRDVFANDFRIGAAVNPVTIEMQKQLLIDHVNSITAENHMKFEHLQPEEGKFTFQEADRIVDFACSHRMAVRG
HTLVWHNQTPDWVFQDGQGHFVSRDVLLERMKCHISTVVRRYKGKIYCWDVINEAVADEGNELLRPSKWRQIIGDDFMEQ
AFLYAYEADPDALLFYNDYNECFPEKREKIFALVKSLRDKGIPIHGIGMQAHWSLTRPSLDEIRAAIERYASLGVVLHIT
ELDVSMFEFHDRRTDLAAPTSEMIERQAERYGQIFALFKEYRDVIQSVTFWGIADDHTWLDNFPVHGRKNWPLLFDEQHK
PKPAFWRAVSV
;
_entity_poly.pdbx_strand_id   A,B
#
loop_
_chem_comp.id
_chem_comp.type
_chem_comp.name
_chem_comp.formula
ACT non-polymer 'ACETATE ION' 'C2 H3 O2 -1'
GOL non-polymer GLYCEROL 'C3 H8 O3'
NA non-polymer 'SODIUM ION' 'Na 1'
XYP D-saccharide, beta linking beta-D-xylopyranose 'C5 H10 O5'
#
# COMPACT_ATOMS: atom_id res chain seq x y z
N ASN A 2 -10.63 -8.35 -7.75
CA ASN A 2 -10.82 -6.87 -7.77
C ASN A 2 -11.92 -6.38 -6.85
N SER A 3 -12.80 -7.29 -6.43
CA SER A 3 -13.89 -6.93 -5.55
C SER A 3 -13.48 -6.08 -4.36
N SER A 4 -12.39 -6.47 -3.69
CA SER A 4 -11.91 -5.74 -2.52
C SER A 4 -10.76 -4.79 -2.85
N LEU A 5 -10.46 -4.65 -4.15
CA LEU A 5 -9.37 -3.77 -4.58
C LEU A 5 -9.70 -2.29 -4.45
N PRO A 6 -8.72 -1.48 -4.01
CA PRO A 6 -8.98 -0.05 -3.89
C PRO A 6 -9.15 0.54 -5.30
N SER A 7 -9.91 1.63 -5.40
CA SER A 7 -10.12 2.30 -6.68
C SER A 7 -9.16 3.49 -6.75
N LEU A 8 -8.33 3.53 -7.79
CA LEU A 8 -7.36 4.61 -7.92
C LEU A 8 -7.95 6.00 -7.75
N ARG A 9 -9.01 6.33 -8.49
CA ARG A 9 -9.59 7.66 -8.37
C ARG A 9 -10.08 7.97 -6.96
N ASP A 10 -10.55 6.95 -6.24
CA ASP A 10 -11.04 7.16 -4.88
C ASP A 10 -9.90 7.35 -3.90
N VAL A 11 -8.85 6.54 -4.05
CA VAL A 11 -7.68 6.64 -3.19
C VAL A 11 -7.10 8.05 -3.25
N PHE A 12 -7.06 8.62 -4.45
CA PHE A 12 -6.49 9.95 -4.66
C PHE A 12 -7.54 11.06 -4.82
N ALA A 13 -8.76 10.79 -4.37
CA ALA A 13 -9.86 11.74 -4.48
C ALA A 13 -9.54 13.14 -3.95
N ASN A 14 -8.77 13.22 -2.87
CA ASN A 14 -8.43 14.51 -2.30
C ASN A 14 -7.08 15.05 -2.76
N ASP A 15 -6.48 14.38 -3.75
CA ASP A 15 -5.17 14.80 -4.24
C ASP A 15 -5.15 15.23 -5.70
N PHE A 16 -5.68 14.39 -6.58
CA PHE A 16 -5.71 14.70 -8.00
C PHE A 16 -6.51 13.66 -8.78
N ARG A 17 -6.96 14.05 -9.97
CA ARG A 17 -7.69 13.10 -10.80
C ARG A 17 -6.69 12.04 -11.26
N ILE A 18 -7.22 10.89 -11.63
CA ILE A 18 -6.41 9.77 -12.14
C ILE A 18 -6.95 9.50 -13.54
N GLY A 19 -6.08 9.58 -14.55
CA GLY A 19 -6.54 9.37 -15.90
C GLY A 19 -5.85 8.28 -16.68
N ALA A 20 -6.38 8.02 -17.87
CA ALA A 20 -5.83 7.03 -18.78
C ALA A 20 -6.01 7.46 -20.23
N ALA A 21 -5.00 7.17 -21.05
CA ALA A 21 -5.06 7.47 -22.47
C ALA A 21 -5.78 6.27 -23.10
N VAL A 22 -6.69 6.55 -24.03
CA VAL A 22 -7.46 5.47 -24.66
C VAL A 22 -7.76 5.74 -26.13
N ASN A 23 -8.38 4.76 -26.77
CA ASN A 23 -8.84 4.86 -28.15
C ASN A 23 -10.07 3.96 -28.17
N PRO A 24 -10.96 4.11 -29.17
CA PRO A 24 -12.15 3.25 -29.20
C PRO A 24 -11.92 1.76 -28.93
N VAL A 25 -10.83 1.22 -29.46
CA VAL A 25 -10.51 -0.20 -29.27
C VAL A 25 -10.14 -0.53 -27.82
N THR A 26 -9.30 0.28 -27.18
CA THR A 26 -8.92 -0.03 -25.81
C THR A 26 -10.03 0.27 -24.81
N ILE A 27 -10.97 1.15 -25.18
CA ILE A 27 -12.08 1.43 -24.28
C ILE A 27 -12.87 0.14 -24.13
N GLU A 28 -13.02 -0.60 -25.22
CA GLU A 28 -13.74 -1.85 -25.19
C GLU A 28 -12.93 -2.93 -24.47
N MET A 29 -11.66 -3.04 -24.85
CA MET A 29 -10.76 -4.03 -24.27
C MET A 29 -10.46 -3.85 -22.78
N GLN A 30 -10.39 -2.60 -22.32
CA GLN A 30 -10.07 -2.33 -20.92
C GLN A 30 -11.20 -1.58 -20.22
N LYS A 31 -12.41 -1.70 -20.76
CA LYS A 31 -13.56 -1.01 -20.21
C LYS A 31 -13.76 -1.06 -18.70
N GLN A 32 -13.74 -2.26 -18.13
CA GLN A 32 -13.96 -2.39 -16.70
C GLN A 32 -12.90 -1.72 -15.84
N LEU A 33 -11.63 -1.84 -16.25
CA LEU A 33 -10.54 -1.20 -15.51
C LEU A 33 -10.75 0.30 -15.47
N LEU A 34 -11.09 0.86 -16.63
CA LEU A 34 -11.32 2.29 -16.74
C LEU A 34 -12.48 2.70 -15.84
N ILE A 35 -13.61 2.01 -15.98
CA ILE A 35 -14.78 2.31 -15.17
C ILE A 35 -14.50 2.22 -13.67
N ASP A 36 -13.69 1.26 -13.26
CA ASP A 36 -13.40 1.09 -11.83
C ASP A 36 -12.33 2.00 -11.25
N HIS A 37 -11.44 2.52 -12.10
CA HIS A 37 -10.33 3.32 -11.58
C HIS A 37 -10.10 4.78 -11.96
N VAL A 38 -10.50 5.19 -13.16
CA VAL A 38 -10.20 6.57 -13.57
C VAL A 38 -11.36 7.55 -13.57
N ASN A 39 -11.01 8.83 -13.46
CA ASN A 39 -12.00 9.90 -13.54
C ASN A 39 -11.55 10.97 -14.54
N SER A 40 -10.66 10.56 -15.44
CA SER A 40 -10.17 11.42 -16.51
C SER A 40 -9.72 10.53 -17.67
N ILE A 41 -9.94 11.02 -18.89
N ILE A 41 -9.91 11.03 -18.88
CA ILE A 41 -9.60 10.31 -20.11
CA ILE A 41 -9.57 10.30 -20.09
C ILE A 41 -8.90 11.23 -21.10
C ILE A 41 -8.92 11.22 -21.11
N THR A 42 -7.94 10.69 -21.84
CA THR A 42 -7.24 11.46 -22.88
C THR A 42 -7.24 10.57 -24.12
N ALA A 43 -7.45 11.15 -25.29
CA ALA A 43 -7.42 10.38 -26.53
C ALA A 43 -5.94 10.17 -26.84
N GLU A 44 -5.52 8.91 -26.93
CA GLU A 44 -4.13 8.61 -27.22
C GLU A 44 -3.68 9.16 -28.58
N ASN A 45 -4.58 9.12 -29.57
CA ASN A 45 -4.25 9.59 -30.90
C ASN A 45 -5.36 10.29 -31.66
N HIS A 46 -6.60 9.98 -31.33
CA HIS A 46 -7.71 10.52 -32.11
C HIS A 46 -8.13 11.98 -32.00
N MET A 47 -7.40 12.78 -31.24
CA MET A 47 -7.70 14.21 -31.19
C MET A 47 -6.50 14.98 -31.71
N LYS A 48 -5.56 14.26 -32.30
CA LYS A 48 -4.38 14.89 -32.90
C LYS A 48 -4.82 15.40 -34.28
N PHE A 49 -4.08 16.38 -34.81
CA PHE A 49 -4.43 17.00 -36.07
C PHE A 49 -4.75 16.04 -37.21
N GLU A 50 -3.86 15.09 -37.48
CA GLU A 50 -4.09 14.15 -38.59
C GLU A 50 -5.35 13.30 -38.45
N HIS A 51 -5.82 13.12 -37.23
CA HIS A 51 -7.02 12.32 -36.99
C HIS A 51 -8.29 13.16 -36.88
N LEU A 52 -8.15 14.49 -36.91
CA LEU A 52 -9.32 15.37 -36.83
C LEU A 52 -9.57 16.13 -38.13
N GLN A 53 -8.50 16.56 -38.81
CA GLN A 53 -8.67 17.25 -40.09
C GLN A 53 -7.62 16.72 -41.06
N PRO A 54 -7.80 15.47 -41.52
CA PRO A 54 -6.89 14.79 -42.46
C PRO A 54 -6.66 15.51 -43.78
N GLU A 55 -7.68 16.22 -44.22
CA GLU A 55 -7.63 17.01 -45.45
C GLU A 55 -8.28 18.34 -45.10
N GLU A 56 -7.86 19.42 -45.74
CA GLU A 56 -8.43 20.72 -45.40
C GLU A 56 -9.95 20.76 -45.63
N GLY A 57 -10.68 21.11 -44.57
CA GLY A 57 -12.13 21.18 -44.67
C GLY A 57 -12.82 19.85 -44.42
N LYS A 58 -12.04 18.80 -44.24
CA LYS A 58 -12.61 17.48 -43.97
C LYS A 58 -12.32 17.13 -42.52
N PHE A 59 -13.34 17.25 -41.67
CA PHE A 59 -13.18 16.92 -40.26
C PHE A 59 -13.75 15.55 -39.97
N THR A 60 -12.96 14.75 -39.26
CA THR A 60 -13.36 13.40 -38.91
C THR A 60 -13.39 13.24 -37.40
N PHE A 61 -14.48 13.70 -36.79
CA PHE A 61 -14.65 13.64 -35.34
C PHE A 61 -15.21 12.34 -34.78
N GLN A 62 -15.54 11.39 -35.64
CA GLN A 62 -16.15 10.14 -35.18
C GLN A 62 -15.48 9.42 -34.01
N GLU A 63 -14.19 9.13 -34.16
CA GLU A 63 -13.46 8.43 -33.09
C GLU A 63 -13.38 9.27 -31.82
N ALA A 64 -13.08 10.56 -31.97
CA ALA A 64 -12.98 11.44 -30.80
C ALA A 64 -14.34 11.54 -30.11
N ASP A 65 -15.41 11.59 -30.91
CA ASP A 65 -16.76 11.67 -30.34
C ASP A 65 -17.05 10.45 -29.47
N ARG A 66 -16.62 9.27 -29.93
CA ARG A 66 -16.84 8.03 -29.18
C ARG A 66 -16.10 8.05 -27.85
N ILE A 67 -14.89 8.58 -27.86
CA ILE A 67 -14.10 8.67 -26.63
C ILE A 67 -14.76 9.63 -25.66
N VAL A 68 -15.21 10.78 -26.16
CA VAL A 68 -15.88 11.76 -25.31
C VAL A 68 -17.20 11.22 -24.78
N ASP A 69 -17.93 10.48 -25.61
CA ASP A 69 -19.20 9.91 -25.18
C ASP A 69 -18.97 8.94 -24.03
N PHE A 70 -17.93 8.12 -24.15
CA PHE A 70 -17.60 7.14 -23.11
C PHE A 70 -17.30 7.87 -21.80
N ALA A 71 -16.42 8.87 -21.87
CA ALA A 71 -16.04 9.63 -20.70
C ALA A 71 -17.23 10.29 -20.03
N CYS A 72 -18.04 10.99 -20.81
CA CYS A 72 -19.19 11.69 -20.27
C CYS A 72 -20.24 10.75 -19.67
N SER A 73 -20.40 9.57 -20.25
CA SER A 73 -21.38 8.62 -19.73
C SER A 73 -20.95 8.03 -18.39
N HIS A 74 -19.68 8.21 -18.04
CA HIS A 74 -19.16 7.68 -16.78
C HIS A 74 -18.67 8.80 -15.87
N ARG A 75 -19.08 10.03 -16.17
CA ARG A 75 -18.71 11.19 -15.38
C ARG A 75 -17.20 11.36 -15.25
N MET A 76 -16.47 11.08 -16.33
CA MET A 76 -15.02 11.22 -16.36
C MET A 76 -14.66 12.50 -17.10
N ALA A 77 -13.65 13.22 -16.61
CA ALA A 77 -13.20 14.43 -17.27
C ALA A 77 -12.43 14.02 -18.52
N VAL A 78 -12.18 14.99 -19.40
CA VAL A 78 -11.43 14.71 -20.62
C VAL A 78 -10.37 15.78 -20.86
N ARG A 79 -9.14 15.34 -21.16
CA ARG A 79 -8.07 16.28 -21.49
C ARG A 79 -7.95 16.21 -23.01
N GLY A 80 -7.94 17.37 -23.66
CA GLY A 80 -7.81 17.40 -25.11
C GLY A 80 -6.34 17.34 -25.49
N HIS A 81 -5.99 16.46 -26.41
CA HIS A 81 -4.60 16.27 -26.83
C HIS A 81 -4.58 15.93 -28.33
N THR A 82 -3.96 16.73 -29.20
CA THR A 82 -3.26 17.98 -28.90
C THR A 82 -3.44 18.83 -30.18
N LEU A 83 -3.39 20.15 -30.04
CA LEU A 83 -3.63 21.03 -31.19
C LEU A 83 -2.47 21.33 -32.14
N VAL A 84 -1.39 21.89 -31.60
CA VAL A 84 -0.23 22.26 -32.41
C VAL A 84 1.00 21.46 -31.98
N TRP A 85 1.48 20.61 -32.90
CA TRP A 85 2.61 19.73 -32.63
C TRP A 85 3.39 19.48 -33.92
N HIS A 86 4.69 19.23 -33.80
CA HIS A 86 5.51 18.99 -34.99
C HIS A 86 5.29 17.59 -35.57
N ASN A 87 4.58 16.74 -34.83
CA ASN A 87 4.28 15.39 -35.29
C ASN A 87 2.79 15.22 -35.58
N GLN A 88 2.46 14.12 -36.25
CA GLN A 88 1.07 13.78 -36.58
C GLN A 88 0.20 14.94 -37.07
N THR A 89 0.76 15.71 -37.99
CA THR A 89 0.08 16.85 -38.62
C THR A 89 0.28 16.63 -40.11
N PRO A 90 -0.81 16.57 -40.89
CA PRO A 90 -0.77 16.36 -42.34
C PRO A 90 0.03 17.41 -43.11
N ASP A 91 0.63 16.99 -44.22
CA ASP A 91 1.43 17.90 -45.03
C ASP A 91 0.61 19.04 -45.63
N TRP A 92 -0.67 18.81 -45.91
CA TRP A 92 -1.50 19.87 -46.51
C TRP A 92 -1.47 21.16 -45.73
N VAL A 93 -1.41 21.05 -44.41
CA VAL A 93 -1.40 22.21 -43.53
C VAL A 93 -0.36 23.26 -43.84
N PHE A 94 0.82 22.83 -44.28
CA PHE A 94 1.90 23.75 -44.56
C PHE A 94 2.12 24.07 -46.04
N GLN A 95 1.33 23.47 -46.91
CA GLN A 95 1.50 23.69 -48.35
C GLN A 95 0.38 24.45 -49.04
N ASP A 96 0.70 25.01 -50.21
CA ASP A 96 -0.28 25.73 -51.01
C ASP A 96 -0.64 24.82 -52.18
N GLY A 97 -1.41 25.36 -53.13
CA GLY A 97 -1.79 24.56 -54.28
C GLY A 97 -0.60 24.02 -55.06
N GLN A 98 0.42 24.85 -55.21
CA GLN A 98 1.62 24.46 -55.95
C GLN A 98 2.51 23.50 -55.17
N GLY A 99 2.16 23.25 -53.90
CA GLY A 99 2.96 22.35 -53.08
C GLY A 99 4.05 23.07 -52.32
N HIS A 100 4.11 24.39 -52.47
CA HIS A 100 5.11 25.21 -51.80
C HIS A 100 4.58 25.60 -50.42
N PHE A 101 5.47 25.97 -49.52
CA PHE A 101 5.08 26.37 -48.17
C PHE A 101 4.23 27.64 -48.21
N VAL A 102 3.19 27.65 -47.38
CA VAL A 102 2.31 28.82 -47.31
C VAL A 102 2.95 29.93 -46.51
N SER A 103 2.31 31.10 -46.53
CA SER A 103 2.81 32.26 -45.80
C SER A 103 2.41 32.20 -44.34
N ARG A 104 3.00 33.09 -43.55
CA ARG A 104 2.72 33.18 -42.12
C ARG A 104 1.22 33.40 -41.89
N ASP A 105 0.64 34.39 -42.58
CA ASP A 105 -0.79 34.69 -42.41
C ASP A 105 -1.71 33.53 -42.79
N VAL A 106 -1.37 32.82 -43.86
CA VAL A 106 -2.18 31.69 -44.30
C VAL A 106 -2.12 30.56 -43.27
N LEU A 107 -0.93 30.27 -42.76
CA LEU A 107 -0.81 29.21 -41.77
C LEU A 107 -1.54 29.59 -40.48
N LEU A 108 -1.48 30.87 -40.12
CA LEU A 108 -2.18 31.33 -38.92
C LEU A 108 -3.69 31.19 -39.12
N GLU A 109 -4.17 31.42 -40.34
CA GLU A 109 -5.60 31.29 -40.61
C GLU A 109 -6.00 29.83 -40.43
N ARG A 110 -5.18 28.94 -40.97
CA ARG A 110 -5.44 27.51 -40.88
C ARG A 110 -5.37 27.04 -39.43
N MET A 111 -4.42 27.56 -38.66
CA MET A 111 -4.27 27.19 -37.26
C MET A 111 -5.51 27.64 -36.48
N LYS A 112 -5.94 28.87 -36.71
CA LYS A 112 -7.10 29.41 -36.02
C LYS A 112 -8.37 28.62 -36.36
N CYS A 113 -8.51 28.27 -37.64
CA CYS A 113 -9.69 27.52 -38.08
C CYS A 113 -9.73 26.15 -37.41
N HIS A 114 -8.61 25.45 -37.42
CA HIS A 114 -8.55 24.13 -36.81
C HIS A 114 -8.87 24.21 -35.31
N ILE A 115 -8.16 25.09 -34.62
CA ILE A 115 -8.36 25.25 -33.18
C ILE A 115 -9.79 25.63 -32.84
N SER A 116 -10.33 26.62 -33.55
N SER A 116 -10.34 26.63 -33.54
CA SER A 116 -11.69 27.08 -33.31
CA SER A 116 -11.70 27.06 -33.26
C SER A 116 -12.73 25.98 -33.51
C SER A 116 -12.73 25.95 -33.49
N THR A 117 -12.62 25.27 -34.63
CA THR A 117 -13.57 24.20 -34.95
C THR A 117 -13.50 23.06 -33.93
N VAL A 118 -12.29 22.60 -33.65
CA VAL A 118 -12.09 21.51 -32.70
C VAL A 118 -12.48 21.87 -31.27
N VAL A 119 -11.96 22.98 -30.77
CA VAL A 119 -12.26 23.38 -29.41
C VAL A 119 -13.75 23.70 -29.19
N ARG A 120 -14.38 24.39 -30.14
N ARG A 120 -14.37 24.39 -30.14
CA ARG A 120 -15.79 24.72 -29.95
CA ARG A 120 -15.78 24.72 -30.00
C ARG A 120 -16.68 23.48 -29.96
C ARG A 120 -16.66 23.48 -29.94
N ARG A 121 -16.30 22.45 -30.71
CA ARG A 121 -17.11 21.23 -30.74
C ARG A 121 -17.21 20.59 -29.37
N TYR A 122 -16.11 20.57 -28.64
CA TYR A 122 -16.08 19.93 -27.34
C TYR A 122 -16.19 20.84 -26.13
N LYS A 123 -16.46 22.12 -26.36
CA LYS A 123 -16.62 23.08 -25.27
C LYS A 123 -17.69 22.55 -24.33
N GLY A 124 -17.42 22.60 -23.03
CA GLY A 124 -18.39 22.10 -22.07
C GLY A 124 -18.20 20.64 -21.71
N LYS A 125 -17.39 19.92 -22.48
CA LYS A 125 -17.14 18.51 -22.22
C LYS A 125 -15.66 18.26 -21.93
N ILE A 126 -14.80 19.04 -22.57
CA ILE A 126 -13.35 18.93 -22.37
C ILE A 126 -12.92 20.15 -21.55
N TYR A 127 -12.31 19.89 -20.38
CA TYR A 127 -11.93 20.99 -19.52
C TYR A 127 -10.54 21.58 -19.70
N CYS A 128 -9.69 20.89 -20.47
CA CYS A 128 -8.34 21.41 -20.70
C CYS A 128 -7.81 20.90 -22.04
N TRP A 129 -6.84 21.62 -22.57
CA TRP A 129 -6.23 21.27 -23.85
C TRP A 129 -4.72 21.42 -23.84
N ASP A 130 -4.04 20.46 -24.46
CA ASP A 130 -2.61 20.55 -24.62
C ASP A 130 -2.55 21.33 -25.94
N VAL A 131 -2.39 22.64 -25.83
CA VAL A 131 -2.37 23.51 -27.00
C VAL A 131 -1.09 23.37 -27.81
N ILE A 132 0.05 23.44 -27.12
CA ILE A 132 1.35 23.30 -27.76
C ILE A 132 2.00 22.06 -27.19
N ASN A 133 2.47 21.18 -28.06
CA ASN A 133 3.12 19.96 -27.62
C ASN A 133 4.58 19.89 -28.10
N GLU A 134 5.48 19.70 -27.15
CA GLU A 134 6.90 19.52 -27.45
C GLU A 134 7.62 20.54 -28.32
N ALA A 135 7.35 21.83 -28.11
CA ALA A 135 8.01 22.86 -28.91
C ALA A 135 9.47 23.09 -28.54
N VAL A 136 9.82 22.77 -27.29
CA VAL A 136 11.19 22.95 -26.80
C VAL A 136 12.13 21.86 -27.36
N ALA A 137 13.35 22.26 -27.69
CA ALA A 137 14.33 21.32 -28.24
C ALA A 137 14.70 20.29 -27.18
N ASP A 138 14.88 19.04 -27.61
CA ASP A 138 15.22 17.97 -26.69
C ASP A 138 16.73 17.74 -26.69
N GLU A 139 17.42 18.45 -27.58
CA GLU A 139 18.87 18.34 -27.70
C GLU A 139 19.45 19.64 -28.26
N GLY A 140 20.72 19.89 -27.97
CA GLY A 140 21.35 21.11 -28.46
C GLY A 140 21.26 22.25 -27.47
N ASN A 141 21.73 23.42 -27.89
CA ASN A 141 21.71 24.60 -27.03
C ASN A 141 20.58 25.55 -27.38
N GLU A 142 19.85 25.25 -28.44
CA GLU A 142 18.73 26.09 -28.85
C GLU A 142 17.53 25.88 -27.95
N LEU A 143 16.72 26.93 -27.81
CA LEU A 143 15.53 26.87 -26.97
C LEU A 143 14.44 26.03 -27.63
N LEU A 144 14.17 26.34 -28.89
CA LEU A 144 13.12 25.66 -29.63
C LEU A 144 13.55 24.64 -30.66
N ARG A 145 12.71 23.63 -30.82
CA ARG A 145 12.89 22.54 -31.76
C ARG A 145 12.44 23.08 -33.12
N PRO A 146 13.06 22.60 -34.21
CA PRO A 146 12.60 23.13 -35.49
C PRO A 146 11.30 22.43 -35.89
N SER A 147 10.42 23.14 -36.57
CA SER A 147 9.15 22.58 -37.02
C SER A 147 8.60 23.49 -38.10
N LYS A 148 7.71 22.97 -38.94
CA LYS A 148 7.13 23.77 -39.99
C LYS A 148 6.29 24.91 -39.42
N TRP A 149 5.68 24.69 -38.26
CA TRP A 149 4.89 25.73 -37.62
C TRP A 149 5.77 26.94 -37.33
N ARG A 150 6.90 26.66 -36.68
CA ARG A 150 7.85 27.70 -36.30
C ARG A 150 8.54 28.35 -37.49
N GLN A 151 8.90 27.54 -38.48
CA GLN A 151 9.57 28.02 -39.68
C GLN A 151 8.73 29.01 -40.47
N ILE A 152 7.47 28.65 -40.72
CA ILE A 152 6.57 29.49 -41.49
C ILE A 152 6.02 30.71 -40.75
N ILE A 153 5.56 30.51 -39.52
CA ILE A 153 4.99 31.60 -38.73
C ILE A 153 6.01 32.47 -38.02
N GLY A 154 7.00 31.83 -37.39
CA GLY A 154 7.99 32.56 -36.63
C GLY A 154 7.89 32.05 -35.21
N ASP A 155 8.78 32.50 -34.33
CA ASP A 155 8.78 32.03 -32.95
C ASP A 155 7.55 32.41 -32.12
N ASP A 156 6.69 33.27 -32.64
CA ASP A 156 5.49 33.68 -31.90
C ASP A 156 4.31 32.79 -32.21
N PHE A 157 4.54 31.68 -32.91
CA PHE A 157 3.46 30.77 -33.24
C PHE A 157 2.75 30.21 -32.01
N MET A 158 3.48 30.05 -30.92
CA MET A 158 2.87 29.52 -29.69
C MET A 158 1.95 30.55 -29.04
N GLU A 159 2.36 31.81 -29.07
CA GLU A 159 1.54 32.88 -28.51
C GLU A 159 0.18 32.87 -29.21
N GLN A 160 0.24 32.79 -30.54
CA GLN A 160 -0.97 32.78 -31.34
C GLN A 160 -1.86 31.57 -31.06
N ALA A 161 -1.25 30.39 -30.95
CA ALA A 161 -2.03 29.18 -30.69
C ALA A 161 -2.81 29.30 -29.38
N PHE A 162 -2.15 29.76 -28.32
CA PHE A 162 -2.82 29.91 -27.04
C PHE A 162 -3.94 30.95 -27.11
N LEU A 163 -3.71 32.06 -27.81
CA LEU A 163 -4.74 33.08 -27.91
C LEU A 163 -5.96 32.57 -28.69
N TYR A 164 -5.73 31.81 -29.74
CA TYR A 164 -6.83 31.25 -30.54
C TYR A 164 -7.64 30.27 -29.69
N ALA A 165 -6.94 29.43 -28.93
CA ALA A 165 -7.62 28.44 -28.09
C ALA A 165 -8.42 29.12 -26.99
N TYR A 166 -7.85 30.18 -26.41
CA TYR A 166 -8.53 30.91 -25.33
C TYR A 166 -9.80 31.54 -25.87
N GLU A 167 -9.72 32.09 -27.07
CA GLU A 167 -10.88 32.71 -27.70
C GLU A 167 -11.97 31.66 -27.97
N ALA A 168 -11.55 30.47 -28.41
CA ALA A 168 -12.49 29.39 -28.69
C ALA A 168 -13.22 28.91 -27.43
N ASP A 169 -12.50 28.81 -26.31
CA ASP A 169 -13.11 28.41 -25.04
C ASP A 169 -12.33 29.01 -23.89
N PRO A 170 -12.70 30.23 -23.49
CA PRO A 170 -12.01 30.92 -22.38
C PRO A 170 -12.11 30.25 -21.00
N ASP A 171 -12.93 29.21 -20.89
CA ASP A 171 -13.09 28.52 -19.61
C ASP A 171 -12.21 27.27 -19.53
N ALA A 172 -11.54 26.94 -20.62
CA ALA A 172 -10.67 25.77 -20.64
C ALA A 172 -9.30 26.12 -20.05
N LEU A 173 -8.63 25.11 -19.50
CA LEU A 173 -7.28 25.32 -18.97
C LEU A 173 -6.37 24.94 -20.13
N LEU A 174 -5.48 25.86 -20.52
CA LEU A 174 -4.59 25.64 -21.65
C LEU A 174 -3.18 25.27 -21.19
N PHE A 175 -2.68 24.18 -21.76
CA PHE A 175 -1.37 23.64 -21.39
C PHE A 175 -0.27 23.60 -22.45
N TYR A 176 0.96 23.70 -21.96
CA TYR A 176 2.16 23.51 -22.79
C TYR A 176 2.55 22.11 -22.25
N ASN A 177 2.64 21.12 -23.13
CA ASN A 177 2.93 19.73 -22.74
C ASN A 177 4.27 19.27 -23.32
N ASP A 178 5.08 18.55 -22.53
CA ASP A 178 6.39 18.10 -23.03
C ASP A 178 6.97 16.93 -22.22
N TYR A 179 7.96 16.26 -22.80
CA TYR A 179 8.62 15.12 -22.14
C TYR A 179 10.06 15.49 -21.75
N ASN A 180 10.72 14.60 -20.99
CA ASN A 180 12.08 14.82 -20.48
C ASN A 180 12.07 16.16 -19.74
N GLU A 181 10.91 16.44 -19.17
CA GLU A 181 10.64 17.68 -18.45
C GLU A 181 11.38 17.86 -17.12
N CYS A 182 12.03 16.81 -16.65
CA CYS A 182 12.74 16.89 -15.38
C CYS A 182 14.25 16.94 -15.52
N PHE A 183 14.77 16.79 -16.73
CA PHE A 183 16.22 16.88 -16.91
C PHE A 183 16.50 18.39 -16.85
N PRO A 184 17.38 18.81 -15.92
CA PRO A 184 17.74 20.22 -15.71
C PRO A 184 17.84 21.15 -16.92
N GLU A 185 18.63 20.77 -17.92
CA GLU A 185 18.78 21.62 -19.10
C GLU A 185 17.44 21.89 -19.77
N LYS A 186 16.66 20.84 -20.01
CA LYS A 186 15.38 21.02 -20.67
C LYS A 186 14.37 21.71 -19.76
N ARG A 187 14.42 21.37 -18.47
CA ARG A 187 13.52 21.98 -17.48
C ARG A 187 13.67 23.50 -17.55
N GLU A 188 14.91 23.97 -17.59
CA GLU A 188 15.15 25.39 -17.66
C GLU A 188 14.65 26.03 -18.95
N LYS A 189 14.67 25.28 -20.05
CA LYS A 189 14.18 25.80 -21.32
C LYS A 189 12.65 25.91 -21.24
N ILE A 190 12.01 24.88 -20.71
CA ILE A 190 10.56 24.89 -20.58
C ILE A 190 10.13 26.01 -19.64
N PHE A 191 10.85 26.15 -18.52
CA PHE A 191 10.56 27.20 -17.54
C PHE A 191 10.69 28.58 -18.19
N ALA A 192 11.80 28.79 -18.89
CA ALA A 192 12.05 30.07 -19.55
C ALA A 192 10.97 30.39 -20.59
N LEU A 193 10.57 29.38 -21.35
CA LEU A 193 9.55 29.57 -22.37
C LEU A 193 8.20 29.94 -21.77
N VAL A 194 7.74 29.16 -20.81
CA VAL A 194 6.45 29.45 -20.19
C VAL A 194 6.47 30.78 -19.43
N LYS A 195 7.57 31.09 -18.77
CA LYS A 195 7.66 32.35 -18.04
C LYS A 195 7.56 33.51 -19.04
N SER A 196 8.23 33.39 -20.17
N SER A 196 8.24 33.40 -20.18
CA SER A 196 8.21 34.41 -21.20
CA SER A 196 8.20 34.44 -21.18
C SER A 196 6.80 34.66 -21.71
C SER A 196 6.78 34.67 -21.70
N LEU A 197 6.04 33.58 -21.90
CA LEU A 197 4.67 33.68 -22.40
C LEU A 197 3.77 34.33 -21.35
N ARG A 198 3.88 33.87 -20.11
CA ARG A 198 3.06 34.43 -19.05
C ARG A 198 3.42 35.88 -18.77
N ASP A 199 4.69 36.24 -19.01
CA ASP A 199 5.12 37.61 -18.78
C ASP A 199 4.54 38.54 -19.86
N LYS A 200 4.00 37.95 -20.92
N LYS A 200 4.01 37.95 -20.92
CA LYS A 200 3.40 38.73 -22.00
CA LYS A 200 3.41 38.70 -22.01
C LYS A 200 1.88 38.68 -21.88
C LYS A 200 1.88 38.65 -21.91
N GLY A 201 1.39 38.03 -20.84
CA GLY A 201 -0.05 37.92 -20.65
C GLY A 201 -0.72 36.84 -21.48
N ILE A 202 0.07 35.94 -22.05
CA ILE A 202 -0.49 34.86 -22.86
C ILE A 202 -1.25 33.89 -21.98
N PRO A 203 -2.45 33.45 -22.43
CA PRO A 203 -3.28 32.52 -21.67
C PRO A 203 -2.82 31.08 -21.58
N ILE A 204 -1.67 30.86 -20.93
CA ILE A 204 -1.18 29.52 -20.72
C ILE A 204 -1.41 29.29 -19.23
N HIS A 205 -2.28 28.34 -18.90
CA HIS A 205 -2.64 28.07 -17.51
C HIS A 205 -1.90 26.94 -16.83
N GLY A 206 -1.32 26.04 -17.62
CA GLY A 206 -0.64 24.93 -17.00
C GLY A 206 0.47 24.32 -17.81
N ILE A 207 1.26 23.50 -17.13
CA ILE A 207 2.34 22.79 -17.76
C ILE A 207 2.02 21.32 -17.60
N GLY A 208 2.15 20.59 -18.71
CA GLY A 208 1.89 19.17 -18.70
C GLY A 208 3.22 18.45 -18.70
N MET A 209 3.45 17.66 -17.66
CA MET A 209 4.67 16.88 -17.52
C MET A 209 4.33 15.48 -18.04
N GLN A 210 4.82 15.15 -19.24
CA GLN A 210 4.49 13.85 -19.83
C GLN A 210 4.86 12.67 -18.95
N ALA A 211 6.04 12.73 -18.34
CA ALA A 211 6.51 11.67 -17.46
C ALA A 211 6.66 10.30 -18.12
N HIS A 212 7.31 10.27 -19.28
CA HIS A 212 7.60 9.00 -19.95
C HIS A 212 8.95 8.69 -19.33
N TRP A 213 8.87 8.05 -18.18
CA TRP A 213 10.05 7.75 -17.36
C TRP A 213 10.55 6.32 -17.39
N SER A 214 11.72 6.13 -16.79
CA SER A 214 12.32 4.81 -16.70
C SER A 214 12.47 4.47 -15.23
N LEU A 215 13.03 3.31 -14.93
CA LEU A 215 13.21 2.92 -13.54
C LEU A 215 14.22 3.83 -12.84
N THR A 216 15.20 4.33 -13.58
CA THR A 216 16.24 5.19 -13.02
C THR A 216 16.13 6.69 -13.29
N ARG A 217 15.60 7.06 -14.45
CA ARG A 217 15.51 8.47 -14.82
C ARG A 217 14.09 8.98 -15.02
N PRO A 218 13.80 10.21 -14.56
CA PRO A 218 14.68 11.13 -13.84
C PRO A 218 14.73 10.74 -12.36
N SER A 219 15.70 11.27 -11.62
CA SER A 219 15.80 10.95 -10.20
C SER A 219 14.67 11.63 -9.44
N LEU A 220 14.40 11.17 -8.23
CA LEU A 220 13.35 11.75 -7.41
C LEU A 220 13.68 13.22 -7.13
N ASP A 221 14.96 13.53 -6.92
CA ASP A 221 15.34 14.92 -6.67
C ASP A 221 15.07 15.79 -7.90
N GLU A 222 15.29 15.23 -9.09
CA GLU A 222 15.02 15.97 -10.32
C GLU A 222 13.53 16.19 -10.48
N ILE A 223 12.73 15.19 -10.13
CA ILE A 223 11.28 15.34 -10.24
C ILE A 223 10.83 16.43 -9.28
N ARG A 224 11.31 16.38 -8.04
CA ARG A 224 10.94 17.39 -7.04
C ARG A 224 11.34 18.78 -7.53
N ALA A 225 12.57 18.91 -8.05
CA ALA A 225 13.05 20.20 -8.52
C ALA A 225 12.21 20.75 -9.67
N ALA A 226 11.79 19.88 -10.58
CA ALA A 226 10.99 20.31 -11.72
C ALA A 226 9.61 20.76 -11.26
N ILE A 227 8.98 19.99 -10.37
CA ILE A 227 7.66 20.35 -9.85
C ILE A 227 7.74 21.73 -9.20
N GLU A 228 8.75 21.94 -8.36
CA GLU A 228 8.90 23.23 -7.68
C GLU A 228 9.19 24.36 -8.66
N ARG A 229 10.05 24.09 -9.63
CA ARG A 229 10.41 25.11 -10.61
C ARG A 229 9.18 25.53 -11.42
N TYR A 230 8.42 24.57 -11.92
CA TYR A 230 7.24 24.90 -12.71
C TYR A 230 6.15 25.53 -11.85
N ALA A 231 5.95 25.00 -10.65
CA ALA A 231 4.93 25.52 -9.74
C ALA A 231 5.19 26.99 -9.41
N SER A 232 6.46 27.38 -9.35
CA SER A 232 6.81 28.77 -9.02
C SER A 232 6.32 29.79 -10.04
N LEU A 233 5.89 29.30 -11.21
CA LEU A 233 5.38 30.18 -12.25
C LEU A 233 3.92 30.53 -11.99
N GLY A 234 3.30 29.78 -11.10
CA GLY A 234 1.89 30.02 -10.78
C GLY A 234 0.93 29.25 -11.65
N VAL A 235 1.45 28.29 -12.41
CA VAL A 235 0.61 27.49 -13.29
C VAL A 235 0.15 26.21 -12.61
N VAL A 236 -0.87 25.59 -13.18
N VAL A 236 -0.86 25.59 -13.21
CA VAL A 236 -1.37 24.33 -12.63
CA VAL A 236 -1.41 24.33 -12.73
C VAL A 236 -0.49 23.26 -13.26
C VAL A 236 -0.51 23.23 -13.30
N LEU A 237 -0.33 22.14 -12.58
CA LEU A 237 0.49 21.05 -13.10
C LEU A 237 -0.31 19.78 -13.29
N HIS A 238 -0.12 19.15 -14.45
CA HIS A 238 -0.76 17.87 -14.74
C HIS A 238 0.35 16.91 -15.15
N ILE A 239 0.32 15.70 -14.61
CA ILE A 239 1.28 14.67 -15.03
C ILE A 239 0.37 14.08 -16.11
N THR A 240 0.81 14.17 -17.36
CA THR A 240 -0.05 13.79 -18.48
C THR A 240 0.05 12.46 -19.24
N GLU A 241 1.22 11.84 -19.26
CA GLU A 241 1.37 10.61 -20.03
C GLU A 241 2.28 9.62 -19.29
N LEU A 242 2.06 9.52 -17.99
CA LEU A 242 2.88 8.66 -17.15
C LEU A 242 2.98 7.17 -17.50
N ASP A 243 4.22 6.70 -17.53
CA ASP A 243 4.53 5.28 -17.68
C ASP A 243 5.96 5.09 -17.21
N VAL A 244 6.25 3.91 -16.68
CA VAL A 244 7.58 3.61 -16.17
C VAL A 244 8.12 2.43 -16.95
N SER A 245 8.95 2.74 -17.93
CA SER A 245 9.54 1.75 -18.81
C SER A 245 10.53 0.84 -18.09
N MET A 246 10.52 -0.44 -18.47
CA MET A 246 11.41 -1.42 -17.89
C MET A 246 12.79 -1.32 -18.55
N PHE A 247 12.90 -0.47 -19.57
CA PHE A 247 14.15 -0.30 -20.30
C PHE A 247 14.68 1.13 -20.27
N GLU A 248 15.97 1.29 -19.95
CA GLU A 248 16.58 2.61 -19.96
C GLU A 248 16.80 2.98 -21.43
N PHE A 249 17.06 4.26 -21.72
CA PHE A 249 17.26 4.70 -23.09
C PHE A 249 18.33 3.94 -23.87
N HIS A 250 19.38 3.53 -23.17
CA HIS A 250 20.49 2.79 -23.81
C HIS A 250 20.19 1.31 -24.01
N ASP A 251 19.13 0.84 -23.37
CA ASP A 251 18.74 -0.57 -23.43
C ASP A 251 17.77 -0.87 -24.57
N ARG A 252 18.30 -1.34 -25.70
CA ARG A 252 17.46 -1.64 -26.85
C ARG A 252 17.28 -3.14 -27.10
N ARG A 253 17.31 -3.94 -26.03
CA ARG A 253 17.13 -5.38 -26.15
C ARG A 253 15.72 -5.69 -26.66
N THR A 254 15.59 -6.75 -27.45
CA THR A 254 14.29 -7.12 -28.01
C THR A 254 13.93 -8.59 -27.73
N ASP A 255 14.80 -9.30 -27.02
CA ASP A 255 14.57 -10.71 -26.74
C ASP A 255 13.89 -11.04 -25.41
N LEU A 256 13.70 -10.04 -24.56
CA LEU A 256 13.07 -10.27 -23.26
C LEU A 256 11.59 -10.59 -23.40
N ALA A 257 11.21 -11.82 -23.07
CA ALA A 257 9.82 -12.25 -23.17
C ALA A 257 8.98 -11.87 -21.96
N ALA A 258 9.66 -11.52 -20.86
CA ALA A 258 8.99 -11.13 -19.64
C ALA A 258 9.94 -10.34 -18.76
N PRO A 259 9.40 -9.46 -17.91
CA PRO A 259 10.27 -8.67 -17.04
C PRO A 259 10.82 -9.56 -15.92
N THR A 260 12.03 -9.29 -15.47
CA THR A 260 12.63 -10.07 -14.39
C THR A 260 11.96 -9.69 -13.08
N SER A 261 12.14 -10.52 -12.06
N SER A 261 12.15 -10.52 -12.06
CA SER A 261 11.55 -10.22 -10.76
CA SER A 261 11.56 -10.24 -10.76
C SER A 261 12.15 -8.93 -10.24
C SER A 261 12.16 -8.95 -10.22
N GLU A 262 13.41 -8.67 -10.62
CA GLU A 262 14.11 -7.46 -10.20
C GLU A 262 13.44 -6.24 -10.83
N MET A 263 13.11 -6.33 -12.12
N MET A 263 13.11 -6.34 -12.12
CA MET A 263 12.46 -5.23 -12.81
CA MET A 263 12.45 -5.23 -12.82
C MET A 263 11.12 -4.93 -12.16
C MET A 263 11.12 -4.93 -12.15
N ILE A 264 10.33 -5.97 -11.91
CA ILE A 264 9.03 -5.82 -11.29
C ILE A 264 9.14 -5.19 -9.90
N GLU A 265 10.12 -5.64 -9.11
CA GLU A 265 10.32 -5.11 -7.77
C GLU A 265 10.76 -3.65 -7.78
N ARG A 266 11.72 -3.32 -8.65
CA ARG A 266 12.20 -1.95 -8.73
C ARG A 266 11.08 -1.04 -9.26
N GLN A 267 10.27 -1.55 -10.17
CA GLN A 267 9.17 -0.75 -10.73
C GLN A 267 8.17 -0.44 -9.62
N ALA A 268 7.94 -1.41 -8.74
CA ALA A 268 7.00 -1.22 -7.63
C ALA A 268 7.53 -0.11 -6.74
N GLU A 269 8.81 -0.20 -6.40
CA GLU A 269 9.44 0.80 -5.56
C GLU A 269 9.39 2.18 -6.23
N ARG A 270 9.71 2.19 -7.52
CA ARG A 270 9.71 3.42 -8.31
C ARG A 270 8.33 4.09 -8.31
N TYR A 271 7.28 3.31 -8.57
CA TYR A 271 5.94 3.89 -8.56
C TYR A 271 5.52 4.38 -7.18
N GLY A 272 5.95 3.68 -6.14
CA GLY A 272 5.62 4.14 -4.80
C GLY A 272 6.29 5.45 -4.48
N GLN A 273 7.56 5.58 -4.87
CA GLN A 273 8.33 6.80 -4.63
C GLN A 273 7.72 7.96 -5.41
N ILE A 274 7.36 7.69 -6.66
N ILE A 274 7.36 7.69 -6.66
CA ILE A 274 6.77 8.72 -7.51
CA ILE A 274 6.77 8.70 -7.53
C ILE A 274 5.45 9.24 -6.95
C ILE A 274 5.45 9.23 -6.98
N PHE A 275 4.55 8.33 -6.59
CA PHE A 275 3.28 8.76 -6.06
C PHE A 275 3.39 9.42 -4.68
N ALA A 276 4.41 9.04 -3.91
CA ALA A 276 4.59 9.66 -2.61
C ALA A 276 4.94 11.13 -2.86
N LEU A 277 5.76 11.37 -3.88
CA LEU A 277 6.17 12.72 -4.22
C LEU A 277 4.98 13.52 -4.79
N PHE A 278 4.17 12.88 -5.63
CA PHE A 278 3.02 13.58 -6.19
C PHE A 278 2.07 14.00 -5.08
N LYS A 279 1.82 13.10 -4.13
CA LYS A 279 0.91 13.39 -3.03
C LYS A 279 1.47 14.55 -2.21
N GLU A 280 2.77 14.59 -2.04
CA GLU A 280 3.40 15.67 -1.28
C GLU A 280 3.08 17.01 -1.94
N TYR A 281 3.06 17.01 -3.27
CA TYR A 281 2.76 18.23 -4.02
C TYR A 281 1.33 18.30 -4.54
N ARG A 282 0.40 17.73 -3.78
CA ARG A 282 -1.01 17.72 -4.14
C ARG A 282 -1.58 19.13 -4.32
N ASP A 283 -0.99 20.13 -3.67
CA ASP A 283 -1.50 21.48 -3.80
C ASP A 283 -1.28 22.10 -5.18
N VAL A 284 -0.35 21.56 -5.96
N VAL A 284 -0.33 21.57 -5.95
CA VAL A 284 -0.06 22.09 -7.29
CA VAL A 284 -0.05 22.10 -7.29
C VAL A 284 -0.40 21.11 -8.40
C VAL A 284 -0.35 21.11 -8.41
N ILE A 285 -0.32 19.81 -8.11
CA ILE A 285 -0.63 18.79 -9.11
C ILE A 285 -2.12 18.49 -9.00
N GLN A 286 -2.84 18.67 -10.10
CA GLN A 286 -4.28 18.45 -10.06
C GLN A 286 -4.76 17.22 -10.83
N SER A 287 -3.87 16.59 -11.60
CA SER A 287 -4.24 15.41 -12.36
C SER A 287 -3.03 14.58 -12.73
N VAL A 288 -3.19 13.26 -12.65
CA VAL A 288 -2.13 12.32 -13.02
C VAL A 288 -2.75 11.31 -13.99
N THR A 289 -2.33 11.40 -15.25
CA THR A 289 -2.82 10.51 -16.30
C THR A 289 -1.73 9.56 -16.76
N PHE A 290 -2.05 8.27 -16.84
CA PHE A 290 -1.09 7.27 -17.32
C PHE A 290 -1.32 7.15 -18.82
N TRP A 291 -0.27 6.86 -19.59
CA TRP A 291 -0.45 6.73 -21.03
C TRP A 291 -0.92 5.31 -21.33
N GLY A 292 -2.10 4.99 -20.81
CA GLY A 292 -2.70 3.67 -20.94
C GLY A 292 -3.19 3.29 -19.56
N ILE A 293 -3.44 2.00 -19.31
CA ILE A 293 -3.87 1.57 -17.98
C ILE A 293 -3.40 0.16 -17.62
N ALA A 294 -3.27 -0.71 -18.62
CA ALA A 294 -2.80 -2.07 -18.35
C ALA A 294 -1.75 -2.48 -19.39
N ASP A 295 -0.85 -3.37 -18.99
CA ASP A 295 0.24 -3.79 -19.87
C ASP A 295 -0.15 -4.49 -21.18
N ASP A 296 -1.43 -4.77 -21.39
CA ASP A 296 -1.82 -5.40 -22.65
C ASP A 296 -1.87 -4.37 -23.79
N HIS A 297 -1.69 -3.10 -23.44
CA HIS A 297 -1.66 -2.03 -24.43
C HIS A 297 -0.76 -0.89 -24.00
N THR A 298 0.34 -0.69 -24.72
CA THR A 298 1.25 0.40 -24.43
C THR A 298 2.08 0.73 -25.67
N TRP A 299 2.22 2.03 -25.94
CA TRP A 299 2.99 2.49 -27.08
C TRP A 299 4.46 2.11 -26.93
N LEU A 300 4.87 1.78 -25.70
CA LEU A 300 6.25 1.41 -25.46
C LEU A 300 6.61 0.03 -26.03
N ASP A 301 5.61 -0.70 -26.50
CA ASP A 301 5.90 -2.00 -27.10
C ASP A 301 6.67 -1.76 -28.40
N ASN A 302 6.39 -0.65 -29.06
CA ASN A 302 7.04 -0.34 -30.33
C ASN A 302 7.90 0.93 -30.35
N PHE A 303 8.01 1.59 -29.20
CA PHE A 303 8.84 2.79 -29.10
C PHE A 303 9.66 2.72 -27.83
N PRO A 304 10.97 3.04 -27.90
CA PRO A 304 11.72 3.44 -29.09
C PRO A 304 12.19 2.28 -29.96
N VAL A 305 11.93 1.06 -29.52
CA VAL A 305 12.32 -0.14 -30.27
C VAL A 305 11.08 -0.85 -30.80
N HIS A 306 10.97 -0.95 -32.11
CA HIS A 306 9.82 -1.59 -32.70
C HIS A 306 9.79 -3.10 -32.49
N GLY A 307 8.58 -3.63 -32.27
CA GLY A 307 8.41 -5.07 -32.12
C GLY A 307 8.79 -5.78 -30.84
N ARG A 308 8.94 -5.08 -29.73
CA ARG A 308 9.25 -5.79 -28.49
C ARG A 308 8.08 -5.67 -27.53
N LYS A 309 8.31 -5.95 -26.25
CA LYS A 309 7.25 -5.86 -25.27
C LYS A 309 7.74 -5.13 -24.02
N ASN A 310 6.90 -4.25 -23.49
CA ASN A 310 7.23 -3.51 -22.28
C ASN A 310 6.09 -3.74 -21.28
N TRP A 311 6.35 -3.46 -20.01
CA TRP A 311 5.36 -3.68 -18.93
C TRP A 311 5.47 -2.44 -18.04
N PRO A 312 5.00 -1.29 -18.55
CA PRO A 312 5.04 0.02 -17.89
C PRO A 312 3.96 0.52 -16.94
N LEU A 313 2.85 -0.20 -16.81
CA LEU A 313 1.75 0.29 -16.01
C LEU A 313 1.45 -0.41 -14.68
N LEU A 314 0.35 -0.04 -14.03
CA LEU A 314 0.01 -0.63 -12.73
C LEU A 314 -0.71 -1.98 -12.79
N PHE A 315 -1.29 -2.30 -13.94
CA PHE A 315 -2.00 -3.57 -14.11
C PHE A 315 -1.33 -4.39 -15.20
N ASP A 316 -1.35 -5.72 -15.05
CA ASP A 316 -0.72 -6.58 -16.05
C ASP A 316 -1.63 -6.88 -17.24
N GLU A 317 -1.14 -7.72 -18.16
CA GLU A 317 -1.90 -8.06 -19.36
C GLU A 317 -3.23 -8.74 -19.09
N GLN A 318 -3.39 -9.31 -17.90
CA GLN A 318 -4.64 -9.96 -17.52
C GLN A 318 -5.49 -9.01 -16.71
N HIS A 319 -5.07 -7.74 -16.66
CA HIS A 319 -5.78 -6.69 -15.93
C HIS A 319 -5.75 -6.86 -14.41
N LYS A 320 -4.74 -7.58 -13.92
CA LYS A 320 -4.59 -7.80 -12.49
C LYS A 320 -3.57 -6.82 -11.93
N PRO A 321 -3.77 -6.35 -10.69
CA PRO A 321 -2.82 -5.41 -10.11
C PRO A 321 -1.42 -5.99 -9.94
N LYS A 322 -0.42 -5.20 -10.30
CA LYS A 322 0.98 -5.61 -10.19
C LYS A 322 1.50 -5.07 -8.86
N PRO A 323 2.71 -5.48 -8.46
CA PRO A 323 3.27 -4.99 -7.19
C PRO A 323 3.28 -3.46 -7.14
N ALA A 324 3.47 -2.84 -8.31
CA ALA A 324 3.49 -1.38 -8.40
C ALA A 324 2.16 -0.77 -7.96
N PHE A 325 1.06 -1.47 -8.25
CA PHE A 325 -0.25 -0.99 -7.85
C PHE A 325 -0.35 -0.80 -6.35
N TRP A 326 0.06 -1.82 -5.59
CA TRP A 326 -0.01 -1.78 -4.15
C TRP A 326 0.82 -0.68 -3.51
N ARG A 327 2.00 -0.41 -4.06
N ARG A 327 2.01 -0.42 -4.05
CA ARG A 327 2.85 0.63 -3.50
CA ARG A 327 2.84 0.63 -3.50
C ARG A 327 2.31 2.01 -3.86
C ARG A 327 2.23 2.00 -3.83
N ALA A 328 1.78 2.16 -5.06
CA ALA A 328 1.20 3.42 -5.50
C ALA A 328 0.01 3.87 -4.65
N VAL A 329 -0.93 2.96 -4.39
CA VAL A 329 -2.12 3.32 -3.62
C VAL A 329 -1.93 3.37 -2.11
N SER A 330 -0.75 2.99 -1.64
CA SER A 330 -0.52 2.98 -0.19
C SER A 330 0.30 4.14 0.35
N VAL A 331 0.54 5.15 -0.48
CA VAL A 331 1.31 6.32 -0.06
C VAL A 331 0.48 7.26 0.81
N SER B 4 14.94 0.67 0.71
CA SER B 4 14.38 0.07 1.96
C SER B 4 12.91 0.42 2.14
N LEU B 5 12.15 -0.52 2.68
CA LEU B 5 10.72 -0.34 2.90
C LEU B 5 10.54 0.43 4.20
N PRO B 6 9.31 0.93 4.46
CA PRO B 6 9.13 1.64 5.72
C PRO B 6 9.15 0.59 6.84
N SER B 7 9.76 0.94 7.97
CA SER B 7 9.85 0.04 9.11
C SER B 7 8.54 0.02 9.88
N LEU B 8 7.97 -1.16 10.06
N LEU B 8 7.95 -1.16 10.06
CA LEU B 8 6.70 -1.31 10.77
CA LEU B 8 6.68 -1.25 10.77
C LEU B 8 6.69 -0.61 12.13
C LEU B 8 6.70 -0.56 12.13
N ARG B 9 7.76 -0.79 12.91
CA ARG B 9 7.84 -0.17 14.23
C ARG B 9 7.89 1.36 14.14
N ASP B 10 8.46 1.89 13.06
CA ASP B 10 8.54 3.34 12.87
C ASP B 10 7.20 3.89 12.37
N VAL B 11 6.56 3.15 11.47
CA VAL B 11 5.27 3.56 10.93
C VAL B 11 4.27 3.76 12.06
N PHE B 12 4.33 2.87 13.06
CA PHE B 12 3.42 2.92 14.20
C PHE B 12 4.08 3.37 15.50
N ALA B 13 5.17 4.12 15.37
CA ALA B 13 5.92 4.60 16.53
C ALA B 13 5.09 5.36 17.56
N ASN B 14 4.10 6.11 17.11
CA ASN B 14 3.27 6.87 18.03
C ASN B 14 1.97 6.17 18.38
N ASP B 15 1.84 4.92 17.96
CA ASP B 15 0.62 4.17 18.21
C ASP B 15 0.80 2.96 19.11
N PHE B 16 1.76 2.10 18.79
CA PHE B 16 2.01 0.91 19.58
C PHE B 16 3.23 0.16 19.09
N ARG B 17 3.79 -0.69 19.95
CA ARG B 17 4.94 -1.49 19.56
C ARG B 17 4.46 -2.51 18.51
N ILE B 18 5.39 -3.00 17.71
CA ILE B 18 5.07 -4.01 16.70
C ILE B 18 5.93 -5.21 17.06
N GLY B 19 5.30 -6.35 17.32
CA GLY B 19 6.07 -7.52 17.70
C GLY B 19 5.94 -8.74 16.81
N ALA B 20 6.75 -9.74 17.10
CA ALA B 20 6.73 -10.99 16.36
C ALA B 20 7.07 -12.16 17.29
N ALA B 21 6.38 -13.28 17.10
CA ALA B 21 6.66 -14.49 17.87
C ALA B 21 7.83 -15.15 17.16
N VAL B 22 8.78 -15.68 17.93
CA VAL B 22 9.95 -16.32 17.35
C VAL B 22 10.44 -17.50 18.17
N ASN B 23 11.45 -18.18 17.63
CA ASN B 23 12.14 -19.29 18.31
C ASN B 23 13.58 -19.17 17.81
N PRO B 24 14.55 -19.82 18.47
CA PRO B 24 15.93 -19.71 18.01
C PRO B 24 16.16 -19.94 16.52
N VAL B 25 15.43 -20.87 15.93
CA VAL B 25 15.56 -21.17 14.52
C VAL B 25 15.03 -20.06 13.61
N THR B 26 13.85 -19.52 13.93
CA THR B 26 13.28 -18.47 13.10
C THR B 26 14.00 -17.15 13.29
N ILE B 27 14.69 -16.99 14.41
CA ILE B 27 15.43 -15.75 14.64
C ILE B 27 16.55 -15.72 13.59
N GLU B 28 17.12 -16.89 13.31
CA GLU B 28 18.19 -16.97 12.31
C GLU B 28 17.60 -16.88 10.91
N MET B 29 16.52 -17.60 10.68
CA MET B 29 15.85 -17.64 9.38
C MET B 29 15.24 -16.31 8.95
N GLN B 30 14.70 -15.56 9.90
CA GLN B 30 14.05 -14.29 9.59
C GLN B 30 14.74 -13.11 10.28
N LYS B 31 16.00 -13.28 10.62
CA LYS B 31 16.76 -12.26 11.32
C LYS B 31 16.66 -10.82 10.80
N GLN B 32 16.89 -10.62 9.51
CA GLN B 32 16.86 -9.27 8.96
C GLN B 32 15.47 -8.64 9.03
N LEU B 33 14.43 -9.41 8.73
CA LEU B 33 13.07 -8.88 8.80
C LEU B 33 12.77 -8.39 10.21
N LEU B 34 13.16 -9.20 11.19
CA LEU B 34 12.91 -8.84 12.59
C LEU B 34 13.67 -7.56 12.94
N ILE B 35 14.96 -7.53 12.61
CA ILE B 35 15.78 -6.36 12.90
C ILE B 35 15.23 -5.11 12.22
N ASP B 36 14.76 -5.23 10.99
CA ASP B 36 14.24 -4.08 10.27
C ASP B 36 12.84 -3.60 10.68
N HIS B 37 12.02 -4.50 11.23
CA HIS B 37 10.64 -4.13 11.54
C HIS B 37 10.07 -4.14 12.95
N VAL B 38 10.51 -5.02 13.83
CA VAL B 38 9.89 -5.07 15.14
C VAL B 38 10.65 -4.45 16.30
N ASN B 39 9.91 -4.11 17.35
CA ASN B 39 10.52 -3.58 18.58
C ASN B 39 9.98 -4.35 19.79
N SER B 40 9.48 -5.56 19.53
CA SER B 40 9.00 -6.45 20.58
C SER B 40 9.04 -7.87 20.05
N ILE B 41 9.32 -8.82 20.92
N ILE B 41 9.33 -8.81 20.92
CA ILE B 41 9.36 -10.21 20.53
CA ILE B 41 9.39 -10.22 20.55
C ILE B 41 8.72 -11.07 21.61
C ILE B 41 8.78 -11.11 21.62
N THR B 42 8.15 -12.20 21.20
CA THR B 42 7.54 -13.14 22.11
C THR B 42 8.06 -14.52 21.74
N ALA B 43 8.33 -15.37 22.73
CA ALA B 43 8.78 -16.72 22.44
C ALA B 43 7.54 -17.51 22.04
N GLU B 44 7.54 -18.06 20.84
CA GLU B 44 6.39 -18.82 20.37
C GLU B 44 6.12 -20.05 21.23
N ASN B 45 7.18 -20.68 21.73
CA ASN B 45 7.03 -21.87 22.55
C ASN B 45 8.01 -22.02 23.71
N HIS B 46 9.21 -21.46 23.57
CA HIS B 46 10.23 -21.70 24.59
C HIS B 46 10.17 -21.09 25.97
N MET B 47 9.09 -20.37 26.27
CA MET B 47 8.91 -19.85 27.62
C MET B 47 7.67 -20.48 28.25
N LYS B 48 7.14 -21.52 27.61
CA LYS B 48 5.98 -22.23 28.14
C LYS B 48 6.53 -23.22 29.18
N PHE B 49 5.67 -23.63 30.11
CA PHE B 49 6.10 -24.51 31.19
C PHE B 49 6.92 -25.74 30.77
N GLU B 50 6.44 -26.50 29.79
CA GLU B 50 7.17 -27.70 29.36
C GLU B 50 8.56 -27.43 28.80
N HIS B 51 8.81 -26.21 28.34
CA HIS B 51 10.10 -25.86 27.78
C HIS B 51 11.03 -25.16 28.76
N LEU B 52 10.51 -24.87 29.96
CA LEU B 52 11.30 -24.21 30.99
C LEU B 52 11.59 -25.13 32.18
N GLN B 53 10.63 -25.97 32.56
CA GLN B 53 10.85 -26.90 33.66
C GLN B 53 10.24 -28.25 33.29
N PRO B 54 10.87 -28.96 32.34
CA PRO B 54 10.41 -30.26 31.85
C PRO B 54 10.25 -31.33 32.93
N GLU B 55 11.08 -31.24 33.96
CA GLU B 55 11.05 -32.16 35.10
C GLU B 55 11.19 -31.28 36.33
N GLU B 56 10.63 -31.69 37.47
CA GLU B 56 10.72 -30.85 38.66
C GLU B 56 12.16 -30.61 39.08
N GLY B 57 12.53 -29.34 39.17
CA GLY B 57 13.89 -28.99 39.58
C GLY B 57 14.87 -28.93 38.42
N LYS B 58 14.42 -29.29 37.22
CA LYS B 58 15.27 -29.24 36.05
C LYS B 58 14.80 -28.08 35.18
N PHE B 59 15.54 -26.98 35.20
CA PHE B 59 15.18 -25.81 34.40
C PHE B 59 16.05 -25.75 33.16
N THR B 60 15.41 -25.56 32.01
CA THR B 60 16.10 -25.49 30.74
C THR B 60 15.87 -24.13 30.10
N PHE B 61 16.63 -23.14 30.55
CA PHE B 61 16.50 -21.77 30.05
C PHE B 61 17.29 -21.45 28.78
N GLN B 62 18.03 -22.42 28.24
CA GLN B 62 18.86 -22.16 27.07
C GLN B 62 18.19 -21.48 25.88
N GLU B 63 17.09 -22.04 25.41
CA GLU B 63 16.40 -21.46 24.25
C GLU B 63 15.79 -20.09 24.58
N ALA B 64 15.16 -19.97 25.75
CA ALA B 64 14.58 -18.69 26.14
C ALA B 64 15.67 -17.64 26.29
N ASP B 65 16.82 -18.04 26.83
CA ASP B 65 17.93 -17.12 27.00
C ASP B 65 18.38 -16.57 25.64
N ARG B 66 18.42 -17.43 24.63
CA ARG B 66 18.83 -17.03 23.28
C ARG B 66 17.86 -16.02 22.69
N ILE B 67 16.57 -16.24 22.93
CA ILE B 67 15.54 -15.33 22.43
C ILE B 67 15.66 -13.98 23.11
N VAL B 68 15.86 -13.99 24.43
CA VAL B 68 15.99 -12.75 25.19
C VAL B 68 17.28 -12.01 24.79
N ASP B 69 18.38 -12.74 24.60
CA ASP B 69 19.64 -12.12 24.21
C ASP B 69 19.48 -11.39 22.88
N PHE B 70 18.81 -12.05 21.92
CA PHE B 70 18.57 -11.45 20.62
C PHE B 70 17.79 -10.16 20.76
N ALA B 71 16.69 -10.21 21.51
CA ALA B 71 15.84 -9.04 21.71
C ALA B 71 16.59 -7.89 22.34
N CYS B 72 17.26 -8.16 23.46
CA CYS B 72 18.00 -7.12 24.16
C CYS B 72 19.12 -6.51 23.34
N SER B 73 19.72 -7.32 22.46
N SER B 73 19.72 -7.31 22.46
CA SER B 73 20.81 -6.86 21.61
CA SER B 73 20.82 -6.83 21.63
C SER B 73 20.33 -5.95 20.49
C SER B 73 20.33 -5.92 20.51
N HIS B 74 19.03 -5.99 20.21
CA HIS B 74 18.46 -5.14 19.15
C HIS B 74 17.40 -4.16 19.63
N ARG B 75 17.48 -3.78 20.91
CA ARG B 75 16.55 -2.81 21.49
C ARG B 75 15.09 -3.23 21.34
N MET B 76 14.82 -4.51 21.52
CA MET B 76 13.45 -5.01 21.40
C MET B 76 12.92 -5.41 22.77
N ALA B 77 11.67 -5.07 23.03
CA ALA B 77 11.04 -5.46 24.28
C ALA B 77 10.70 -6.93 24.14
N VAL B 78 10.35 -7.57 25.25
CA VAL B 78 10.00 -8.99 25.23
C VAL B 78 8.75 -9.22 26.06
N ARG B 79 7.79 -9.96 25.49
CA ARG B 79 6.58 -10.32 26.22
C ARG B 79 6.81 -11.76 26.67
N GLY B 80 6.62 -12.03 27.95
CA GLY B 80 6.79 -13.39 28.46
C GLY B 80 5.51 -14.19 28.22
N HIS B 81 5.65 -15.36 27.62
CA HIS B 81 4.49 -16.21 27.30
C HIS B 81 4.89 -17.68 27.52
N THR B 82 4.24 -18.42 28.43
CA THR B 82 3.15 -18.01 29.31
C THR B 82 3.34 -18.87 30.57
N LEU B 83 2.94 -18.36 31.73
CA LEU B 83 3.17 -19.07 32.99
C LEU B 83 2.23 -20.22 33.38
N VAL B 84 0.93 -19.94 33.42
CA VAL B 84 -0.06 -20.93 33.81
C VAL B 84 -1.09 -21.12 32.70
N TRP B 85 -1.07 -22.31 32.11
CA TRP B 85 -1.94 -22.66 30.99
C TRP B 85 -2.25 -24.16 31.04
N HIS B 86 -3.45 -24.54 30.60
CA HIS B 86 -3.79 -25.96 30.61
C HIS B 86 -2.95 -26.74 29.60
N ASN B 87 -2.48 -26.07 28.55
CA ASN B 87 -1.65 -26.74 27.55
C ASN B 87 -0.15 -26.62 27.81
N GLN B 88 0.61 -27.48 27.15
CA GLN B 88 2.05 -27.52 27.24
C GLN B 88 2.64 -27.41 28.65
N THR B 89 2.03 -28.15 29.56
CA THR B 89 2.47 -28.22 30.95
C THR B 89 2.68 -29.71 31.24
N PRO B 90 3.88 -30.08 31.72
CA PRO B 90 4.21 -31.48 32.02
C PRO B 90 3.29 -32.15 33.05
N ASP B 91 3.12 -33.45 32.91
CA ASP B 91 2.27 -34.20 33.83
C ASP B 91 2.78 -34.18 35.27
N TRP B 92 4.12 -34.12 35.45
CA TRP B 92 4.68 -34.14 36.80
C TRP B 92 4.10 -33.07 37.71
N VAL B 93 3.79 -31.92 37.12
CA VAL B 93 3.26 -30.79 37.87
C VAL B 93 2.04 -31.10 38.74
N PHE B 94 1.18 -31.99 38.24
CA PHE B 94 -0.04 -32.31 38.97
C PHE B 94 -0.02 -33.65 39.73
N GLN B 95 1.08 -34.38 39.61
CA GLN B 95 1.19 -35.70 40.25
C GLN B 95 2.14 -35.78 41.44
N ASP B 96 1.92 -36.79 42.28
CA ASP B 96 2.78 -37.02 43.44
C ASP B 96 3.64 -38.23 43.11
N GLY B 97 4.30 -38.79 44.11
CA GLY B 97 5.15 -39.94 43.88
C GLY B 97 4.39 -41.14 43.31
N GLN B 98 3.20 -41.39 43.87
CA GLN B 98 2.37 -42.51 43.42
C GLN B 98 1.62 -42.22 42.14
N GLY B 99 1.80 -41.02 41.59
CA GLY B 99 1.12 -40.66 40.35
C GLY B 99 -0.27 -40.10 40.57
N HIS B 100 -0.67 -39.98 41.84
CA HIS B 100 -1.99 -39.46 42.17
C HIS B 100 -1.93 -37.93 42.16
N PHE B 101 -3.08 -37.28 41.99
CA PHE B 101 -3.12 -35.82 41.97
C PHE B 101 -2.69 -35.24 43.31
N VAL B 102 -1.87 -34.19 43.26
CA VAL B 102 -1.39 -33.55 44.47
C VAL B 102 -2.49 -32.66 45.06
N SER B 103 -2.25 -32.17 46.28
CA SER B 103 -3.20 -31.31 46.95
C SER B 103 -3.11 -29.87 46.45
N ARG B 104 -4.06 -29.06 46.90
CA ARG B 104 -4.11 -27.65 46.55
C ARG B 104 -2.81 -26.95 46.98
N ASP B 105 -2.43 -27.14 48.24
CA ASP B 105 -1.22 -26.52 48.76
C ASP B 105 0.06 -26.91 48.02
N VAL B 106 0.18 -28.18 47.65
CA VAL B 106 1.36 -28.63 46.94
C VAL B 106 1.41 -28.02 45.54
N LEU B 107 0.29 -27.97 44.85
CA LEU B 107 0.28 -27.40 43.51
C LEU B 107 0.60 -25.90 43.58
N LEU B 108 0.09 -25.23 44.60
CA LEU B 108 0.38 -23.80 44.75
C LEU B 108 1.87 -23.59 45.00
N GLU B 109 2.48 -24.48 45.79
CA GLU B 109 3.90 -24.38 46.05
C GLU B 109 4.67 -24.51 44.74
N ARG B 110 4.29 -25.49 43.94
CA ARG B 110 4.94 -25.71 42.65
C ARG B 110 4.71 -24.54 41.70
N MET B 111 3.50 -23.99 41.70
CA MET B 111 3.18 -22.86 40.85
C MET B 111 4.04 -21.66 41.23
N LYS B 112 4.13 -21.41 42.53
CA LYS B 112 4.92 -20.29 43.03
C LYS B 112 6.39 -20.45 42.69
N CYS B 113 6.92 -21.65 42.88
CA CYS B 113 8.32 -21.90 42.60
C CYS B 113 8.66 -21.68 41.13
N HIS B 114 7.82 -22.21 40.25
CA HIS B 114 8.05 -22.04 38.81
C HIS B 114 7.98 -20.57 38.42
N ILE B 115 6.90 -19.91 38.84
CA ILE B 115 6.74 -18.49 38.51
C ILE B 115 7.88 -17.63 39.05
N SER B 116 8.24 -17.85 40.32
N SER B 116 8.24 -17.84 40.32
CA SER B 116 9.32 -17.08 40.94
CA SER B 116 9.31 -17.06 40.92
C SER B 116 10.64 -17.28 40.21
C SER B 116 10.64 -17.27 40.20
N THR B 117 10.99 -18.53 39.94
CA THR B 117 12.25 -18.83 39.26
C THR B 117 12.33 -18.26 37.86
N VAL B 118 11.27 -18.44 37.08
CA VAL B 118 11.22 -17.96 35.71
C VAL B 118 11.18 -16.43 35.63
N VAL B 119 10.25 -15.81 36.35
CA VAL B 119 10.12 -14.36 36.32
C VAL B 119 11.36 -13.64 36.86
N ARG B 120 11.93 -14.13 37.95
CA ARG B 120 13.12 -13.47 38.49
C ARG B 120 14.33 -13.54 37.55
N ARG B 121 14.44 -14.62 36.79
CA ARG B 121 15.57 -14.74 35.87
C ARG B 121 15.57 -13.64 34.83
N TYR B 122 14.39 -13.28 34.34
CA TYR B 122 14.27 -12.27 33.30
C TYR B 122 13.82 -10.87 33.74
N LYS B 123 13.76 -10.66 35.05
CA LYS B 123 13.37 -9.37 35.58
C LYS B 123 14.32 -8.31 35.01
N GLY B 124 13.75 -7.21 34.54
CA GLY B 124 14.58 -6.15 33.97
C GLY B 124 14.76 -6.29 32.47
N LYS B 125 14.40 -7.43 31.91
CA LYS B 125 14.52 -7.67 30.48
C LYS B 125 13.16 -7.93 29.82
N ILE B 126 12.27 -8.56 30.57
CA ILE B 126 10.93 -8.86 30.07
C ILE B 126 9.99 -7.91 30.80
N TYR B 127 9.29 -7.06 30.06
CA TYR B 127 8.42 -6.08 30.70
C TYR B 127 6.99 -6.50 31.00
N CYS B 128 6.54 -7.61 30.44
CA CYS B 128 5.19 -8.07 30.71
C CYS B 128 5.10 -9.58 30.58
N TRP B 129 4.10 -10.16 31.22
CA TRP B 129 3.90 -11.60 31.21
C TRP B 129 2.46 -12.02 31.01
N ASP B 130 2.25 -13.05 30.19
CA ASP B 130 0.91 -13.61 30.01
C ASP B 130 0.89 -14.61 31.18
N VAL B 131 0.33 -14.18 32.31
CA VAL B 131 0.30 -15.02 33.51
C VAL B 131 -0.68 -16.17 33.40
N ILE B 132 -1.90 -15.87 32.95
CA ILE B 132 -2.93 -16.89 32.76
C ILE B 132 -3.30 -16.87 31.30
N ASN B 133 -3.30 -18.04 30.68
CA ASN B 133 -3.64 -18.16 29.27
C ASN B 133 -4.86 -19.04 29.06
N GLU B 134 -5.82 -18.53 28.29
CA GLU B 134 -7.02 -19.29 27.91
C GLU B 134 -7.79 -20.03 29.00
N ALA B 135 -8.19 -19.33 30.06
CA ALA B 135 -8.93 -19.97 31.15
C ALA B 135 -10.45 -20.04 30.90
N VAL B 136 -10.97 -19.16 30.05
CA VAL B 136 -12.40 -19.12 29.72
C VAL B 136 -12.83 -20.26 28.80
N ALA B 137 -14.03 -20.79 29.03
CA ALA B 137 -14.56 -21.89 28.22
C ALA B 137 -14.93 -21.49 26.80
N ASP B 138 -14.88 -22.47 25.89
CA ASP B 138 -15.19 -22.24 24.48
C ASP B 138 -16.69 -22.11 24.19
N GLU B 139 -17.49 -22.95 24.84
CA GLU B 139 -18.94 -22.92 24.64
C GLU B 139 -19.65 -23.11 25.98
N GLY B 140 -20.98 -23.10 25.95
CA GLY B 140 -21.75 -23.28 27.17
C GLY B 140 -21.96 -22.04 28.00
N ASN B 141 -22.51 -22.23 29.20
CA ASN B 141 -22.76 -21.12 30.10
C ASN B 141 -21.73 -21.02 31.20
N GLU B 142 -20.91 -22.05 31.34
CA GLU B 142 -19.86 -22.06 32.37
C GLU B 142 -18.80 -21.02 31.99
N LEU B 143 -18.38 -20.24 32.98
CA LEU B 143 -17.38 -19.21 32.76
C LEU B 143 -16.00 -19.77 32.41
N LEU B 144 -15.50 -20.65 33.26
CA LEU B 144 -14.19 -21.25 33.07
C LEU B 144 -14.20 -22.67 32.51
N ARG B 145 -13.16 -23.00 31.75
CA ARG B 145 -13.03 -24.34 31.19
C ARG B 145 -12.43 -25.19 32.30
N PRO B 146 -12.62 -26.52 32.25
CA PRO B 146 -12.03 -27.33 33.30
C PRO B 146 -10.55 -27.53 33.01
N SER B 147 -9.75 -27.75 34.04
CA SER B 147 -8.32 -27.99 33.86
C SER B 147 -7.75 -28.53 35.15
N LYS B 148 -6.59 -29.15 35.08
CA LYS B 148 -5.97 -29.71 36.27
C LYS B 148 -5.63 -28.61 37.29
N TRP B 149 -5.23 -27.44 36.79
CA TRP B 149 -4.91 -26.32 37.67
C TRP B 149 -6.12 -25.97 38.52
N ARG B 150 -7.25 -25.75 37.84
CA ARG B 150 -8.50 -25.39 38.47
C ARG B 150 -9.07 -26.50 39.36
N GLN B 151 -8.99 -27.73 38.86
CA GLN B 151 -9.50 -28.89 39.58
C GLN B 151 -8.84 -29.08 40.93
N ILE B 152 -7.51 -29.02 40.95
CA ILE B 152 -6.75 -29.22 42.17
C ILE B 152 -6.73 -28.02 43.13
N ILE B 153 -6.53 -26.83 42.60
CA ILE B 153 -6.46 -25.63 43.43
C ILE B 153 -7.81 -25.03 43.77
N GLY B 154 -8.66 -24.88 42.76
CA GLY B 154 -9.96 -24.28 42.96
C GLY B 154 -10.06 -23.12 41.99
N ASP B 155 -11.19 -22.43 41.96
CA ASP B 155 -11.37 -21.31 41.03
C ASP B 155 -10.48 -20.09 41.30
N ASP B 156 -9.81 -20.06 42.45
CA ASP B 156 -8.96 -18.94 42.77
C ASP B 156 -7.52 -19.16 42.30
N PHE B 157 -7.32 -20.17 41.46
CA PHE B 157 -5.98 -20.46 40.97
C PHE B 157 -5.40 -19.29 40.18
N MET B 158 -6.26 -18.56 39.48
CA MET B 158 -5.81 -17.41 38.70
C MET B 158 -5.37 -16.29 39.63
N GLU B 159 -6.13 -16.06 40.70
CA GLU B 159 -5.78 -15.02 41.67
C GLU B 159 -4.38 -15.29 42.20
N GLN B 160 -4.13 -16.55 42.55
CA GLN B 160 -2.83 -16.94 43.09
C GLN B 160 -1.70 -16.74 42.08
N ALA B 161 -1.94 -17.14 40.83
CA ALA B 161 -0.93 -17.00 39.79
C ALA B 161 -0.50 -15.53 39.63
N PHE B 162 -1.48 -14.62 39.55
CA PHE B 162 -1.17 -13.20 39.42
C PHE B 162 -0.43 -12.67 40.64
N LEU B 163 -0.82 -13.12 41.82
CA LEU B 163 -0.15 -12.67 43.04
C LEU B 163 1.30 -13.14 43.07
N TYR B 164 1.55 -14.37 42.65
CA TYR B 164 2.91 -14.92 42.63
C TYR B 164 3.77 -14.19 41.60
N ALA B 165 3.19 -13.90 40.44
CA ALA B 165 3.93 -13.20 39.39
C ALA B 165 4.26 -11.78 39.86
N TYR B 166 3.30 -11.13 40.51
CA TYR B 166 3.50 -9.78 41.02
C TYR B 166 4.62 -9.76 42.04
N GLU B 167 4.61 -10.74 42.94
CA GLU B 167 5.65 -10.83 43.96
C GLU B 167 7.03 -11.00 43.34
N ALA B 168 7.10 -11.79 42.27
CA ALA B 168 8.36 -12.03 41.58
C ALA B 168 8.87 -10.77 40.90
N ASP B 169 7.96 -9.99 40.30
CA ASP B 169 8.36 -8.74 39.65
C ASP B 169 7.23 -7.71 39.72
N PRO B 170 7.23 -6.87 40.78
CA PRO B 170 6.22 -5.83 40.97
C PRO B 170 6.17 -4.77 39.87
N ASP B 171 7.17 -4.76 38.99
CA ASP B 171 7.22 -3.77 37.92
C ASP B 171 6.75 -4.29 36.57
N ALA B 172 6.46 -5.58 36.49
CA ALA B 172 6.00 -6.17 35.24
C ALA B 172 4.51 -5.97 35.04
N LEU B 173 4.09 -5.84 33.78
CA LEU B 173 2.67 -5.73 33.47
C LEU B 173 2.18 -7.16 33.33
N LEU B 174 1.16 -7.52 34.10
CA LEU B 174 0.63 -8.88 34.10
C LEU B 174 -0.66 -8.99 33.29
N PHE B 175 -0.68 -9.95 32.37
CA PHE B 175 -1.81 -10.14 31.45
C PHE B 175 -2.60 -11.42 31.55
N TYR B 176 -3.87 -11.33 31.15
CA TYR B 176 -4.77 -12.47 31.00
C TYR B 176 -4.86 -12.49 29.47
N ASN B 177 -4.46 -13.59 28.85
CA ASN B 177 -4.44 -13.72 27.39
C ASN B 177 -5.46 -14.75 26.90
N ASP B 178 -6.16 -14.47 25.80
CA ASP B 178 -7.14 -15.43 25.30
C ASP B 178 -7.48 -15.20 23.82
N TYR B 179 -8.07 -16.22 23.19
CA TYR B 179 -8.46 -16.15 21.77
C TYR B 179 -9.99 -16.08 21.64
N ASN B 180 -10.46 -15.81 20.42
CA ASN B 180 -11.89 -15.66 20.14
C ASN B 180 -12.43 -14.61 21.10
N GLU B 181 -11.56 -13.66 21.41
CA GLU B 181 -11.83 -12.57 22.34
C GLU B 181 -12.86 -11.55 21.87
N CYS B 182 -13.24 -11.62 20.59
CA CYS B 182 -14.21 -10.67 20.07
C CYS B 182 -15.60 -11.24 19.82
N PHE B 183 -15.76 -12.55 20.03
CA PHE B 183 -17.08 -13.14 19.87
C PHE B 183 -17.85 -12.75 21.13
N PRO B 184 -18.99 -12.05 20.95
CA PRO B 184 -19.86 -11.56 22.02
C PRO B 184 -19.95 -12.41 23.29
N GLU B 185 -20.34 -13.67 23.15
CA GLU B 185 -20.49 -14.55 24.30
C GLU B 185 -19.20 -14.71 25.10
N LYS B 186 -18.09 -14.95 24.41
CA LYS B 186 -16.82 -15.13 25.11
C LYS B 186 -16.25 -13.80 25.60
N ARG B 187 -16.52 -12.73 24.85
CA ARG B 187 -16.05 -11.40 25.23
C ARG B 187 -16.62 -11.02 26.60
N GLU B 188 -17.89 -11.32 26.81
CA GLU B 188 -18.52 -11.01 28.09
C GLU B 188 -17.98 -11.84 29.24
N LYS B 189 -17.57 -13.06 28.95
CA LYS B 189 -17.01 -13.94 29.98
C LYS B 189 -15.63 -13.40 30.38
N ILE B 190 -14.82 -13.05 29.39
CA ILE B 190 -13.49 -12.52 29.65
C ILE B 190 -13.60 -11.21 30.41
N PHE B 191 -14.58 -10.39 30.02
CA PHE B 191 -14.80 -9.10 30.67
C PHE B 191 -15.16 -9.33 32.14
N ALA B 192 -16.09 -10.26 32.38
CA ALA B 192 -16.54 -10.59 33.72
C ALA B 192 -15.41 -11.14 34.58
N LEU B 193 -14.60 -12.02 33.99
CA LEU B 193 -13.48 -12.63 34.70
C LEU B 193 -12.48 -11.58 35.17
N VAL B 194 -12.00 -10.77 34.23
CA VAL B 194 -11.02 -9.74 34.55
C VAL B 194 -11.59 -8.70 35.51
N LYS B 195 -12.85 -8.33 35.32
CA LYS B 195 -13.48 -7.34 36.20
C LYS B 195 -13.49 -7.87 37.63
N SER B 196 -13.84 -9.14 37.77
CA SER B 196 -13.89 -9.78 39.08
C SER B 196 -12.53 -9.72 39.77
N LEU B 197 -11.49 -10.08 39.04
CA LEU B 197 -10.13 -10.06 39.59
C LEU B 197 -9.72 -8.63 39.94
N ARG B 198 -10.01 -7.70 39.04
CA ARG B 198 -9.70 -6.29 39.24
C ARG B 198 -10.38 -5.76 40.51
N ASP B 199 -11.67 -6.04 40.64
CA ASP B 199 -12.42 -5.57 41.81
C ASP B 199 -11.91 -6.16 43.12
N LYS B 200 -11.25 -7.31 43.05
CA LYS B 200 -10.71 -7.97 44.23
C LYS B 200 -9.34 -7.44 44.61
N GLY B 201 -8.81 -6.54 43.77
CA GLY B 201 -7.50 -5.97 44.03
C GLY B 201 -6.35 -6.81 43.50
N ILE B 202 -6.69 -7.84 42.73
CA ILE B 202 -5.67 -8.71 42.15
C ILE B 202 -4.82 -7.91 41.15
N PRO B 203 -3.49 -8.10 41.17
CA PRO B 203 -2.61 -7.38 40.26
C PRO B 203 -2.61 -7.84 38.81
N ILE B 204 -3.72 -7.61 38.12
CA ILE B 204 -3.84 -7.95 36.70
C ILE B 204 -3.89 -6.57 36.04
N HIS B 205 -2.96 -6.32 35.13
CA HIS B 205 -2.87 -5.01 34.48
C HIS B 205 -3.30 -4.92 33.03
N GLY B 206 -3.40 -6.06 32.36
CA GLY B 206 -3.77 -6.04 30.97
C GLY B 206 -4.49 -7.24 30.44
N ILE B 207 -5.10 -7.07 29.27
CA ILE B 207 -5.80 -8.13 28.60
C ILE B 207 -5.11 -8.33 27.27
N GLY B 208 -4.78 -9.58 26.96
CA GLY B 208 -4.12 -9.90 25.73
C GLY B 208 -5.15 -10.48 24.77
N MET B 209 -5.34 -9.80 23.64
CA MET B 209 -6.27 -10.24 22.62
C MET B 209 -5.43 -10.98 21.59
N GLN B 210 -5.53 -12.31 21.56
CA GLN B 210 -4.72 -13.08 20.63
C GLN B 210 -4.88 -12.70 19.18
N ALA B 211 -6.13 -12.47 18.77
CA ALA B 211 -6.41 -12.07 17.40
C ALA B 211 -6.02 -13.08 16.33
N HIS B 212 -6.38 -14.35 16.56
CA HIS B 212 -6.14 -15.38 15.55
C HIS B 212 -7.43 -15.30 14.77
N TRP B 213 -7.41 -14.45 13.75
CA TRP B 213 -8.58 -14.17 12.95
C TRP B 213 -8.64 -14.71 11.54
N SER B 214 -9.80 -14.57 10.90
N SER B 214 -9.81 -14.56 10.92
CA SER B 214 -9.98 -15.02 9.53
CA SER B 214 -10.06 -15.01 9.56
C SER B 214 -10.21 -13.77 8.67
C SER B 214 -10.31 -13.77 8.70
N LEU B 215 -10.55 -13.98 7.40
CA LEU B 215 -10.79 -12.87 6.49
C LEU B 215 -12.09 -12.12 6.82
N THR B 216 -13.02 -12.79 7.49
CA THR B 216 -14.30 -12.17 7.81
C THR B 216 -14.73 -12.19 9.27
N ARG B 217 -14.12 -13.06 10.09
CA ARG B 217 -14.50 -13.15 11.50
C ARG B 217 -13.30 -12.93 12.41
N PRO B 218 -13.46 -12.13 13.48
CA PRO B 218 -14.70 -11.44 13.85
C PRO B 218 -14.89 -10.23 12.93
N SER B 219 -16.07 -9.61 12.98
CA SER B 219 -16.34 -8.45 12.16
C SER B 219 -15.69 -7.21 12.78
N LEU B 220 -15.54 -6.17 11.98
CA LEU B 220 -14.95 -4.93 12.48
C LEU B 220 -15.75 -4.38 13.66
N ASP B 221 -17.08 -4.48 13.56
CA ASP B 221 -17.94 -4.01 14.63
C ASP B 221 -17.69 -4.79 15.92
N GLU B 222 -17.46 -6.10 15.79
CA GLU B 222 -17.19 -6.94 16.95
C GLU B 222 -15.84 -6.61 17.56
N ILE B 223 -14.84 -6.35 16.72
CA ILE B 223 -13.52 -6.00 17.21
C ILE B 223 -13.61 -4.67 17.96
N ARG B 224 -14.32 -3.72 17.38
CA ARG B 224 -14.50 -2.41 18.00
C ARG B 224 -15.20 -2.55 19.34
N ALA B 225 -16.27 -3.34 19.37
CA ALA B 225 -17.03 -3.56 20.60
C ALA B 225 -16.15 -4.18 21.68
N ALA B 226 -15.32 -5.14 21.29
CA ALA B 226 -14.43 -5.81 22.24
C ALA B 226 -13.39 -4.84 22.80
N ILE B 227 -12.76 -4.07 21.92
CA ILE B 227 -11.76 -3.11 22.36
C ILE B 227 -12.35 -2.15 23.39
N GLU B 228 -13.51 -1.57 23.08
CA GLU B 228 -14.14 -0.63 24.01
C GLU B 228 -14.57 -1.30 25.31
N ARG B 229 -15.10 -2.51 25.22
CA ARG B 229 -15.54 -3.25 26.39
C ARG B 229 -14.38 -3.56 27.34
N TYR B 230 -13.28 -4.10 26.80
CA TYR B 230 -12.13 -4.40 27.63
C TYR B 230 -11.46 -3.13 28.15
N ALA B 231 -11.37 -2.12 27.29
CA ALA B 231 -10.76 -0.86 27.65
C ALA B 231 -11.47 -0.16 28.80
N SER B 232 -12.78 -0.36 28.90
CA SER B 232 -13.54 0.28 29.97
C SER B 232 -13.14 -0.20 31.36
N LEU B 233 -12.36 -1.28 31.41
CA LEU B 233 -11.89 -1.82 32.68
C LEU B 233 -10.67 -1.05 33.18
N GLY B 234 -10.07 -0.25 32.30
CA GLY B 234 -8.91 0.53 32.69
C GLY B 234 -7.60 -0.24 32.53
N VAL B 235 -7.66 -1.39 31.89
CA VAL B 235 -6.47 -2.21 31.67
C VAL B 235 -5.75 -1.84 30.39
N VAL B 236 -4.51 -2.31 30.27
CA VAL B 236 -3.71 -2.08 29.08
C VAL B 236 -4.14 -3.16 28.10
N LEU B 237 -4.18 -2.83 26.81
CA LEU B 237 -4.56 -3.82 25.80
C LEU B 237 -3.40 -4.11 24.87
N HIS B 238 -3.13 -5.40 24.65
CA HIS B 238 -2.10 -5.83 23.72
C HIS B 238 -2.76 -6.79 22.74
N ILE B 239 -2.47 -6.62 21.46
CA ILE B 239 -2.95 -7.56 20.45
C ILE B 239 -1.72 -8.46 20.48
N THR B 240 -1.90 -9.70 20.92
CA THR B 240 -0.75 -10.58 21.14
C THR B 240 -0.31 -11.65 20.15
N GLU B 241 -1.22 -12.18 19.35
CA GLU B 241 -0.84 -13.25 18.43
C GLU B 241 -1.55 -13.12 17.08
N LEU B 242 -1.55 -11.91 16.57
CA LEU B 242 -2.23 -11.61 15.32
C LEU B 242 -1.80 -12.36 14.06
N ASP B 243 -2.79 -12.91 13.37
CA ASP B 243 -2.59 -13.53 12.06
C ASP B 243 -3.96 -13.55 11.39
N VAL B 244 -3.97 -13.49 10.07
CA VAL B 244 -5.22 -13.48 9.30
C VAL B 244 -5.19 -14.67 8.37
N SER B 245 -5.87 -15.73 8.79
CA SER B 245 -5.91 -16.96 8.03
C SER B 245 -6.63 -16.80 6.70
N MET B 246 -6.13 -17.47 5.67
CA MET B 246 -6.74 -17.43 4.35
C MET B 246 -7.96 -18.36 4.31
N PHE B 247 -8.17 -19.09 5.40
CA PHE B 247 -9.28 -20.04 5.50
C PHE B 247 -10.14 -19.76 6.72
N GLU B 248 -11.46 -19.86 6.56
CA GLU B 248 -12.35 -19.68 7.71
C GLU B 248 -12.03 -20.91 8.56
N PHE B 249 -12.19 -20.80 9.88
CA PHE B 249 -11.84 -21.91 10.75
C PHE B 249 -12.43 -23.26 10.36
N HIS B 250 -13.71 -23.28 9.99
CA HIS B 250 -14.37 -24.51 9.60
C HIS B 250 -13.98 -25.01 8.20
N ASP B 251 -13.27 -24.18 7.45
CA ASP B 251 -12.85 -24.56 6.11
C ASP B 251 -11.60 -25.41 6.20
N ARG B 252 -11.74 -26.71 6.01
CA ARG B 252 -10.60 -27.61 6.10
C ARG B 252 -10.08 -28.10 4.75
N ARG B 253 -10.33 -27.33 3.69
CA ARG B 253 -9.88 -27.72 2.36
C ARG B 253 -8.37 -27.77 2.29
N THR B 254 -7.85 -28.66 1.45
CA THR B 254 -6.40 -28.83 1.32
C THR B 254 -5.91 -28.84 -0.12
N ASP B 255 -6.75 -28.33 -1.03
CA ASP B 255 -6.42 -28.30 -2.45
C ASP B 255 -5.61 -27.10 -2.96
N LEU B 256 -5.43 -26.07 -2.12
CA LEU B 256 -4.70 -24.88 -2.55
C LEU B 256 -3.19 -24.95 -2.35
N ALA B 257 -2.44 -24.82 -3.44
CA ALA B 257 -0.98 -24.84 -3.39
C ALA B 257 -0.45 -23.42 -3.25
N ALA B 258 -1.32 -22.45 -3.51
CA ALA B 258 -0.96 -21.05 -3.40
C ALA B 258 -2.22 -20.22 -3.19
N PRO B 259 -2.08 -19.06 -2.53
CA PRO B 259 -3.27 -18.24 -2.31
C PRO B 259 -3.75 -17.68 -3.64
N THR B 260 -5.06 -17.59 -3.80
CA THR B 260 -5.63 -17.05 -5.02
C THR B 260 -5.54 -15.53 -4.97
N SER B 261 -5.70 -14.88 -6.11
N SER B 261 -5.70 -14.89 -6.13
CA SER B 261 -5.64 -13.43 -6.18
CA SER B 261 -5.63 -13.43 -6.19
C SER B 261 -6.71 -12.84 -5.28
C SER B 261 -6.71 -12.84 -5.29
N GLU B 262 -7.87 -13.49 -5.23
CA GLU B 262 -8.98 -13.03 -4.42
C GLU B 262 -8.60 -13.06 -2.94
N MET B 263 -7.94 -14.14 -2.53
N MET B 263 -7.93 -14.13 -2.52
CA MET B 263 -7.50 -14.31 -1.15
CA MET B 263 -7.52 -14.25 -1.12
C MET B 263 -6.50 -13.22 -0.75
C MET B 263 -6.53 -13.15 -0.77
N ILE B 264 -5.53 -12.96 -1.62
CA ILE B 264 -4.51 -11.94 -1.39
C ILE B 264 -5.16 -10.56 -1.26
N GLU B 265 -6.06 -10.24 -2.19
CA GLU B 265 -6.73 -8.95 -2.18
C GLU B 265 -7.63 -8.74 -0.97
N ARG B 266 -8.39 -9.76 -0.59
N ARG B 266 -8.38 -9.77 -0.59
CA ARG B 266 -9.26 -9.63 0.58
CA ARG B 266 -9.27 -9.67 0.56
C ARG B 266 -8.44 -9.53 1.84
C ARG B 266 -8.45 -9.55 1.84
N GLN B 267 -7.33 -10.28 1.90
CA GLN B 267 -6.46 -10.23 3.07
C GLN B 267 -5.88 -8.84 3.22
N ALA B 268 -5.50 -8.24 2.10
CA ALA B 268 -4.93 -6.89 2.11
C ALA B 268 -5.94 -5.90 2.65
N GLU B 269 -7.18 -5.99 2.17
N GLU B 269 -7.19 -5.99 2.18
CA GLU B 269 -8.25 -5.12 2.63
CA GLU B 269 -8.24 -5.10 2.64
C GLU B 269 -8.50 -5.34 4.12
C GLU B 269 -8.50 -5.34 4.13
N ARG B 270 -8.51 -6.61 4.52
CA ARG B 270 -8.74 -6.98 5.91
C ARG B 270 -7.67 -6.39 6.84
N TYR B 271 -6.41 -6.55 6.47
CA TYR B 271 -5.31 -6.00 7.28
C TYR B 271 -5.37 -4.48 7.31
N GLY B 272 -5.78 -3.88 6.20
CA GLY B 272 -5.88 -2.43 6.15
C GLY B 272 -6.94 -1.95 7.13
N GLN B 273 -8.08 -2.62 7.13
CA GLN B 273 -9.18 -2.26 8.02
C GLN B 273 -8.81 -2.48 9.48
N ILE B 274 -8.11 -3.59 9.74
CA ILE B 274 -7.69 -3.93 11.09
C ILE B 274 -6.75 -2.89 11.67
N PHE B 275 -5.72 -2.52 10.92
CA PHE B 275 -4.79 -1.53 11.44
C PHE B 275 -5.35 -0.13 11.53
N ALA B 276 -6.33 0.20 10.68
CA ALA B 276 -6.95 1.51 10.74
C ALA B 276 -7.71 1.57 12.07
N LEU B 277 -8.31 0.44 12.43
CA LEU B 277 -9.07 0.36 13.67
C LEU B 277 -8.12 0.40 14.89
N PHE B 278 -7.02 -0.33 14.82
CA PHE B 278 -6.06 -0.33 15.93
C PHE B 278 -5.54 1.09 16.16
N LYS B 279 -5.19 1.76 15.07
CA LYS B 279 -4.66 3.12 15.17
C LYS B 279 -5.71 4.05 15.77
N GLU B 280 -6.97 3.80 15.45
CA GLU B 280 -8.06 4.61 15.97
C GLU B 280 -8.10 4.48 17.50
N TYR B 281 -7.76 3.30 18.00
CA TYR B 281 -7.75 3.08 19.44
C TYR B 281 -6.34 3.04 20.02
N ARG B 282 -5.46 3.84 19.43
CA ARG B 282 -4.07 3.93 19.88
C ARG B 282 -3.95 4.31 21.35
N ASP B 283 -4.97 4.96 21.89
CA ASP B 283 -4.94 5.37 23.30
C ASP B 283 -5.06 4.21 24.28
N VAL B 284 -5.62 3.09 23.82
CA VAL B 284 -5.80 1.93 24.69
C VAL B 284 -4.95 0.73 24.30
N ILE B 285 -4.54 0.67 23.04
CA ILE B 285 -3.71 -0.43 22.56
C ILE B 285 -2.25 0.04 22.61
N GLN B 286 -1.41 -0.70 23.34
N GLN B 286 -1.40 -0.70 23.32
CA GLN B 286 0.00 -0.34 23.48
CA GLN B 286 0.00 -0.31 23.43
C GLN B 286 0.96 -1.23 22.72
C GLN B 286 0.96 -1.22 22.70
N SER B 287 0.47 -2.35 22.21
CA SER B 287 1.32 -3.28 21.47
C SER B 287 0.53 -4.20 20.55
N VAL B 288 1.09 -4.47 19.38
CA VAL B 288 0.47 -5.37 18.41
C VAL B 288 1.55 -6.36 17.96
N THR B 289 1.40 -7.60 18.37
CA THR B 289 2.34 -8.66 18.03
C THR B 289 1.69 -9.66 17.07
N PHE B 290 2.42 -10.01 16.00
CA PHE B 290 1.96 -10.99 15.02
C PHE B 290 2.49 -12.34 15.49
N TRP B 291 1.75 -13.42 15.23
CA TRP B 291 2.25 -14.73 15.66
C TRP B 291 3.18 -15.27 14.56
N GLY B 292 4.28 -14.53 14.38
CA GLY B 292 5.28 -14.84 13.37
C GLY B 292 5.57 -13.51 12.66
N ILE B 293 6.18 -13.57 11.48
CA ILE B 293 6.44 -12.33 10.73
C ILE B 293 6.37 -12.54 9.22
N ALA B 294 6.71 -13.72 8.74
CA ALA B 294 6.65 -14.01 7.31
C ALA B 294 6.03 -15.37 7.06
N ASP B 295 5.37 -15.51 5.91
CA ASP B 295 4.68 -16.75 5.57
C ASP B 295 5.54 -18.02 5.49
N ASP B 296 6.86 -17.90 5.60
CA ASP B 296 7.69 -19.10 5.56
C ASP B 296 7.66 -19.85 6.90
N HIS B 297 7.00 -19.25 7.89
CA HIS B 297 6.84 -19.89 9.21
C HIS B 297 5.54 -19.43 9.89
N THR B 298 4.62 -20.36 10.07
CA THR B 298 3.37 -20.06 10.74
C THR B 298 2.75 -21.33 11.29
N TRP B 299 2.23 -21.26 12.51
CA TRP B 299 1.60 -22.41 13.13
C TRP B 299 0.37 -22.83 12.36
N LEU B 300 -0.18 -21.92 11.55
CA LEU B 300 -1.37 -22.23 10.77
C LEU B 300 -1.08 -23.21 9.63
N ASP B 301 0.20 -23.53 9.41
CA ASP B 301 0.57 -24.48 8.36
C ASP B 301 0.23 -25.89 8.82
N ASN B 302 -0.07 -26.05 10.11
CA ASN B 302 -0.41 -27.36 10.65
C ASN B 302 -1.65 -27.38 11.54
N PHE B 303 -2.29 -26.23 11.69
CA PHE B 303 -3.50 -26.11 12.48
C PHE B 303 -4.48 -25.21 11.73
N PRO B 304 -5.75 -25.63 11.61
CA PRO B 304 -6.32 -26.89 12.13
C PRO B 304 -6.11 -28.10 11.21
N VAL B 305 -5.44 -27.89 10.09
CA VAL B 305 -5.18 -28.99 9.17
C VAL B 305 -3.68 -29.22 9.04
N HIS B 306 -3.24 -30.40 9.45
CA HIS B 306 -1.83 -30.74 9.39
C HIS B 306 -1.34 -30.85 7.95
N GLY B 307 -0.21 -30.19 7.68
CA GLY B 307 0.36 -30.24 6.34
C GLY B 307 -0.33 -29.35 5.30
N ARG B 308 -1.12 -28.38 5.74
CA ARG B 308 -1.79 -27.47 4.81
C ARG B 308 -1.21 -26.07 4.91
N LYS B 309 -0.56 -25.62 3.84
CA LYS B 309 0.05 -24.30 3.83
C LYS B 309 -0.95 -23.16 3.94
N ASN B 310 -0.58 -22.14 4.70
CA ASN B 310 -1.41 -20.94 4.89
C ASN B 310 -0.48 -19.77 4.61
N TRP B 311 -1.04 -18.57 4.45
CA TRP B 311 -0.27 -17.36 4.16
C TRP B 311 -0.95 -16.25 4.96
N PRO B 312 -0.80 -16.29 6.29
CA PRO B 312 -1.41 -15.32 7.21
C PRO B 312 -0.74 -14.02 7.62
N LEU B 313 0.49 -13.79 7.16
CA LEU B 313 1.23 -12.61 7.60
C LEU B 313 1.47 -11.49 6.57
N LEU B 314 2.24 -10.46 6.95
CA LEU B 314 2.46 -9.34 6.03
C LEU B 314 3.54 -9.53 4.99
N PHE B 315 4.44 -10.48 5.22
CA PHE B 315 5.54 -10.77 4.31
C PHE B 315 5.38 -12.19 3.76
N ASP B 316 5.76 -12.40 2.50
CA ASP B 316 5.64 -13.73 1.90
C ASP B 316 6.81 -14.64 2.26
N GLU B 317 6.81 -15.84 1.67
CA GLU B 317 7.86 -16.81 1.95
C GLU B 317 9.25 -16.37 1.53
N GLN B 318 9.33 -15.35 0.67
CA GLN B 318 10.61 -14.83 0.23
C GLN B 318 10.95 -13.56 1.01
N HIS B 319 10.19 -13.30 2.07
CA HIS B 319 10.38 -12.14 2.93
C HIS B 319 10.09 -10.82 2.22
N LYS B 320 9.28 -10.87 1.18
CA LYS B 320 8.92 -9.66 0.43
C LYS B 320 7.55 -9.18 0.93
N PRO B 321 7.33 -7.86 0.93
CA PRO B 321 6.05 -7.32 1.39
C PRO B 321 4.88 -7.72 0.49
N LYS B 322 3.82 -8.21 1.10
CA LYS B 322 2.61 -8.61 0.38
C LYS B 322 1.68 -7.41 0.34
N PRO B 323 0.61 -7.50 -0.46
CA PRO B 323 -0.34 -6.39 -0.54
C PRO B 323 -0.82 -6.00 0.87
N ALA B 324 -0.92 -6.99 1.75
CA ALA B 324 -1.34 -6.77 3.13
C ALA B 324 -0.40 -5.79 3.84
N PHE B 325 0.90 -5.92 3.58
CA PHE B 325 1.88 -5.03 4.20
C PHE B 325 1.59 -3.59 3.81
N TRP B 326 1.42 -3.35 2.51
CA TRP B 326 1.18 -2.00 2.03
C TRP B 326 -0.12 -1.38 2.51
N ARG B 327 -1.19 -2.16 2.60
CA ARG B 327 -2.44 -1.61 3.09
C ARG B 327 -2.35 -1.34 4.59
N ALA B 328 -1.60 -2.18 5.31
CA ALA B 328 -1.45 -1.97 6.74
C ALA B 328 -0.71 -0.66 7.05
N VAL B 329 0.38 -0.38 6.33
CA VAL B 329 1.14 0.84 6.59
C VAL B 329 0.55 2.08 5.95
N SER B 330 -0.56 1.93 5.23
CA SER B 330 -1.19 3.05 4.55
C SER B 330 -2.19 3.80 5.42
N VAL B 331 -2.57 3.20 6.55
CA VAL B 331 -3.55 3.79 7.45
C VAL B 331 -3.13 5.10 8.13
O1 XYP C . 5.31 12.72 -26.25
C1 XYP C . 4.21 11.88 -26.25
C2 XYP C . 3.10 12.47 -27.13
C3 XYP C . 1.97 11.45 -27.32
C4 XYP C . 2.58 10.16 -27.88
C5 XYP C . 3.60 9.65 -26.86
O2 XYP C . 2.58 13.66 -26.55
O3 XYP C . 1.00 11.94 -28.22
O4 XYP C . 1.57 9.18 -28.14
O5 XYP C . 4.66 10.60 -26.73
C1 XYP C . 1.89 8.27 -29.14
C2 XYP C . 0.82 7.19 -29.23
C3 XYP C . 1.17 6.22 -30.36
C4 XYP C . 1.37 6.99 -31.67
C5 XYP C . 2.41 8.11 -31.47
O2 XYP C . 0.76 6.49 -27.99
O3 XYP C . 0.12 5.28 -30.51
O4 XYP C . 1.82 6.10 -32.69
O5 XYP C . 2.00 8.97 -30.38
O1 XYP D . -3.88 -19.44 21.70
C1 XYP D . -2.59 -19.43 21.18
C2 XYP D . -1.57 -19.74 22.29
C3 XYP D . -0.17 -19.91 21.69
C4 XYP D . -0.24 -20.99 20.61
C5 XYP D . -1.24 -20.55 19.54
O2 XYP D . -1.56 -18.69 23.25
O3 XYP D . 0.75 -20.29 22.69
O4 XYP D . 1.05 -21.21 20.03
O5 XYP D . -2.54 -20.42 20.14
C1 XYP D . 1.22 -22.44 19.43
C2 XYP D . 2.56 -22.48 18.69
C3 XYP D . 2.82 -23.88 18.12
C4 XYP D . 2.67 -24.95 19.21
C5 XYP D . 1.31 -24.79 19.91
O2 XYP D . 2.52 -21.54 17.62
O3 XYP D . 4.15 -23.93 17.59
O4 XYP D . 2.75 -26.25 18.64
O5 XYP D . 1.19 -23.46 20.45
O1 XYP E . 11.20 10.40 -26.32
C1 XYP E . 10.14 11.08 -26.91
C2 XYP E . 9.96 10.61 -28.35
C3 XYP E . 8.71 11.24 -28.97
C4 XYP E . 7.49 10.99 -28.08
C5 XYP E . 7.78 11.48 -26.65
O2 XYP E . 11.10 10.97 -29.12
O3 XYP E . 8.48 10.68 -30.25
O4 XYP E . 6.36 11.70 -28.59
O5 XYP E . 8.95 10.80 -26.14
NA NA F . -4.24 18.49 -6.20
C ACT G . 20.10 7.68 -20.90
O ACT G . 19.01 8.03 -20.46
OXT ACT G . 20.53 6.56 -20.68
CH3 ACT G . 20.92 8.64 -21.72
C1 GOL H . -13.82 -2.17 -7.15
O1 GOL H . -14.43 -1.03 -7.73
C2 GOL H . -12.31 -2.22 -7.57
O2 GOL H . -11.71 -0.95 -7.57
C3 GOL H . -12.14 -2.83 -9.00
O3 GOL H . -11.40 -4.04 -8.97
C1 GOL I . -19.82 15.64 -29.52
O1 GOL I . -19.25 15.35 -28.28
C2 GOL I . -20.73 16.90 -29.36
O2 GOL I . -21.82 16.67 -28.50
C3 GOL I . -21.29 17.40 -30.72
O3 GOL I . -21.73 18.73 -30.65
C1 GOL J . 7.83 33.16 -26.23
O1 GOL J . 7.49 34.38 -25.63
C2 GOL J . 8.57 33.44 -27.57
O2 GOL J . 7.68 33.87 -28.58
C3 GOL J . 9.33 32.18 -28.11
O3 GOL J . 10.70 32.44 -28.31
C1 GOL K . 8.45 4.00 0.80
O1 GOL K . 9.21 2.86 0.47
C2 GOL K . 8.06 4.75 -0.51
O2 GOL K . 8.24 6.15 -0.40
C3 GOL K . 6.59 4.47 -0.93
O3 GOL K . 6.44 3.21 -1.53
NA NA L . -0.90 3.24 22.05
C ACT M . -7.37 -19.61 13.17
O ACT M . -7.97 -18.57 12.95
OXT ACT M . -7.08 -20.36 12.25
CH3 ACT M . -7.00 -19.98 14.59
#